data_1AHG
#
_entry.id   1AHG
#
_cell.length_a   86.000
_cell.length_b   79.100
_cell.length_c   89.600
_cell.angle_alpha   90.00
_cell.angle_beta   118.67
_cell.angle_gamma   90.00
#
_symmetry.space_group_name_H-M   'P 1 21 1'
#
loop_
_entity.id
_entity.type
_entity.pdbx_description
1 polymer 'Aspartate aminotransferase'
2 non-polymer TYROSINE
3 non-polymer "PYRIDOXAL-5'-PHOSPHATE"
4 water water
#
_entity_poly.entity_id   1
_entity_poly.type   'polypeptide(L)'
_entity_poly.pdbx_seq_one_letter_code
;MFENITAAPADPILGLADLFRADERPGKINLGIGLYYDETGKIPVLTSVKKAEQYLLENETTKLYLGIDGIPEFGRCTQE
LLFGKGSALINDKRARTAQTPGGSGALRVAADFLAKNTSVKRVWVSNPSWPNHKSVFNSAGLEVREYAYYDAENHTLDFD
ALINSLNEAQAGDVVLFHGCCHNPTGIDPTLEQWQTLAQLSVEKGWLPLFDFAYQGFARGLEEDAEGLRAFAAMHKELIV
ASSYSKNFGLYNERVGACTLVAADSETVDRAFSQMKAAIRANYSSPPAHGASVVATILSNDALRAIWEQELTDMRQRIQR
MRQLFVNTLQEKGANRDFSFIIKQNGMFSFSGLTKEQVLRLREEFGVYAVASGRVNVAGMTPDNMAPLCEAIVAVL
;
_entity_poly.pdbx_strand_id   A,B
#
# COMPACT_ATOMS: atom_id res chain seq x y z
N MET A 1 20.24 12.28 -15.01
CA MET A 1 20.06 11.67 -13.73
C MET A 1 20.00 10.14 -13.78
N PHE A 2 19.14 9.63 -14.69
CA PHE A 2 18.87 8.19 -14.87
C PHE A 2 19.69 7.51 -15.96
N GLU A 3 20.70 8.21 -16.50
CA GLU A 3 21.55 7.67 -17.57
C GLU A 3 22.38 6.43 -17.25
N ASN A 4 22.69 6.20 -15.99
CA ASN A 4 23.51 5.07 -15.58
C ASN A 4 22.76 4.08 -14.73
N ILE A 5 21.46 4.04 -14.85
CA ILE A 5 20.72 3.10 -14.05
C ILE A 5 20.74 1.74 -14.67
N THR A 6 21.07 0.81 -13.82
CA THR A 6 21.12 -0.57 -14.19
C THR A 6 19.75 -1.21 -14.11
N ALA A 7 19.37 -1.77 -15.23
CA ALA A 7 18.13 -2.46 -15.31
C ALA A 7 18.19 -3.54 -14.24
N ALA A 8 17.07 -3.85 -13.66
CA ALA A 8 17.07 -4.86 -12.67
C ALA A 8 16.58 -6.13 -13.30
N PRO A 9 17.02 -7.22 -12.72
CA PRO A 9 16.61 -8.54 -13.15
C PRO A 9 15.28 -8.75 -12.44
N ALA A 10 14.25 -9.12 -13.19
CA ALA A 10 12.87 -9.29 -12.73
C ALA A 10 12.62 -10.22 -11.55
N ASP A 11 11.47 -10.02 -10.84
CA ASP A 11 11.02 -10.86 -9.72
C ASP A 11 11.05 -12.26 -10.26
N PRO A 12 11.54 -13.21 -9.49
CA PRO A 12 11.61 -14.59 -9.96
C PRO A 12 10.23 -15.29 -10.17
N ILE A 13 9.23 -14.89 -9.36
CA ILE A 13 7.88 -15.42 -9.43
C ILE A 13 6.96 -14.59 -10.32
N LEU A 14 6.68 -13.34 -9.93
CA LEU A 14 5.84 -12.46 -10.74
C LEU A 14 6.36 -12.33 -12.16
N GLY A 15 7.68 -12.26 -12.26
CA GLY A 15 8.33 -12.11 -13.55
C GLY A 15 7.91 -13.21 -14.49
N LEU A 16 7.64 -14.37 -13.91
CA LEU A 16 7.20 -15.54 -14.64
C LEU A 16 5.88 -15.28 -15.35
N ALA A 17 5.00 -14.58 -14.64
CA ALA A 17 3.69 -14.23 -15.17
C ALA A 17 3.83 -13.56 -16.53
N ASP A 18 4.68 -12.53 -16.58
CA ASP A 18 4.95 -11.76 -17.78
C ASP A 18 5.18 -12.65 -18.97
N LEU A 19 6.09 -13.58 -18.72
CA LEU A 19 6.50 -14.55 -19.70
C LEU A 19 5.35 -15.44 -20.13
N PHE A 20 4.54 -15.87 -19.15
CA PHE A 20 3.40 -16.71 -19.41
C PHE A 20 2.46 -15.97 -20.34
N ARG A 21 2.16 -14.75 -19.88
CA ARG A 21 1.32 -13.84 -20.62
C ARG A 21 1.73 -13.78 -22.07
N ALA A 22 2.97 -13.39 -22.34
CA ALA A 22 3.45 -13.26 -23.72
C ALA A 22 3.71 -14.55 -24.52
N ASP A 23 3.64 -15.70 -23.85
CA ASP A 23 3.84 -16.97 -24.53
C ASP A 23 2.60 -17.20 -25.36
N GLU A 24 2.72 -17.83 -26.52
CA GLU A 24 1.54 -18.02 -27.33
C GLU A 24 1.18 -19.44 -27.68
N ARG A 25 1.93 -20.38 -27.16
CA ARG A 25 1.59 -21.75 -27.46
C ARG A 25 0.33 -22.22 -26.69
N PRO A 26 -0.63 -22.68 -27.49
CA PRO A 26 -1.94 -23.14 -27.11
C PRO A 26 -2.09 -23.92 -25.80
N GLY A 27 -1.30 -24.98 -25.62
CA GLY A 27 -1.43 -25.81 -24.43
C GLY A 27 -0.69 -25.37 -23.17
N LYS A 28 -0.14 -24.19 -23.18
CA LYS A 28 0.59 -23.70 -22.03
C LYS A 28 -0.07 -23.83 -20.66
N ILE A 29 0.68 -24.43 -19.73
CA ILE A 29 0.26 -24.63 -18.37
C ILE A 29 1.07 -23.70 -17.47
N ASN A 30 0.50 -23.23 -16.37
CA ASN A 30 1.21 -22.31 -15.53
C ASN A 30 1.16 -22.70 -14.08
N LEU A 31 2.24 -23.37 -13.66
CA LEU A 31 2.40 -23.85 -12.29
C LEU A 31 3.32 -22.93 -11.46
N GLY A 32 3.43 -21.67 -11.89
CA GLY A 32 4.28 -20.70 -11.23
C GLY A 32 3.68 -20.09 -9.97
N ILE A 33 3.20 -18.85 -10.12
CA ILE A 33 2.59 -18.07 -9.05
C ILE A 33 1.45 -18.77 -8.31
N GLY A 34 1.48 -18.64 -6.98
CA GLY A 34 0.53 -19.26 -6.04
C GLY A 34 -0.86 -18.63 -6.00
N LEU A 35 -1.65 -19.05 -6.96
CA LEU A 35 -3.02 -18.67 -7.13
C LEU A 35 -3.83 -19.97 -7.14
N TYR A 36 -4.98 -19.97 -6.41
CA TYR A 36 -5.84 -21.13 -6.38
C TYR A 36 -6.63 -21.22 -7.69
N TYR A 37 -6.72 -22.40 -8.32
CA TYR A 37 -7.53 -22.58 -9.53
C TYR A 37 -8.68 -23.60 -9.30
N ASP A 38 -9.71 -23.56 -10.16
CA ASP A 38 -10.85 -24.47 -10.04
C ASP A 38 -10.86 -25.56 -11.10
N GLU A 39 -11.73 -26.58 -10.93
CA GLU A 39 -11.86 -27.71 -11.86
C GLU A 39 -11.71 -27.32 -13.32
N THR A 40 -12.41 -26.26 -13.69
CA THR A 40 -12.39 -25.74 -15.04
C THR A 40 -11.19 -24.86 -15.30
N GLY A 41 -10.37 -24.67 -14.26
CA GLY A 41 -9.15 -23.88 -14.39
C GLY A 41 -9.32 -22.37 -14.45
N LYS A 42 -10.10 -21.85 -13.51
CA LYS A 42 -10.30 -20.42 -13.44
C LYS A 42 -9.91 -19.93 -12.07
N ILE A 43 -9.65 -18.66 -11.95
CA ILE A 43 -9.33 -18.12 -10.64
C ILE A 43 -10.54 -17.32 -10.21
N PRO A 44 -11.58 -18.04 -9.88
CA PRO A 44 -12.86 -17.49 -9.50
C PRO A 44 -12.86 -16.63 -8.25
N VAL A 45 -13.90 -15.79 -8.17
CA VAL A 45 -14.16 -14.93 -7.02
C VAL A 45 -15.16 -15.63 -6.09
N LEU A 46 -14.76 -15.99 -4.90
CA LEU A 46 -15.64 -16.62 -3.90
C LEU A 46 -17.06 -15.97 -3.82
N THR A 47 -18.07 -16.82 -3.53
CA THR A 47 -19.47 -16.42 -3.41
C THR A 47 -19.65 -15.52 -2.20
N SER A 48 -19.04 -15.92 -1.10
CA SER A 48 -19.07 -15.15 0.12
C SER A 48 -18.48 -13.76 -0.11
N VAL A 49 -17.53 -13.66 -1.08
CA VAL A 49 -16.87 -12.39 -1.45
C VAL A 49 -17.89 -11.50 -2.18
N LYS A 50 -18.38 -11.99 -3.35
CA LYS A 50 -19.36 -11.28 -4.16
C LYS A 50 -20.50 -10.76 -3.27
N LYS A 51 -21.00 -11.69 -2.45
CA LYS A 51 -22.04 -11.38 -1.52
C LYS A 51 -21.68 -10.18 -0.68
N ALA A 52 -20.53 -10.20 0.03
CA ALA A 52 -20.15 -9.04 0.84
C ALA A 52 -19.91 -7.80 0.00
N GLU A 53 -19.45 -7.94 -1.23
CA GLU A 53 -19.25 -6.77 -2.03
C GLU A 53 -20.56 -6.03 -2.26
N GLN A 54 -21.62 -6.80 -2.62
CA GLN A 54 -22.98 -6.34 -2.87
C GLN A 54 -23.45 -5.53 -1.71
N TYR A 55 -23.22 -6.09 -0.58
CA TYR A 55 -23.59 -5.47 0.64
C TYR A 55 -22.97 -4.12 0.79
N LEU A 56 -21.72 -4.03 0.37
CA LEU A 56 -21.01 -2.76 0.50
C LEU A 56 -21.58 -1.75 -0.49
N LEU A 57 -21.87 -2.25 -1.69
CA LEU A 57 -22.43 -1.47 -2.75
C LEU A 57 -23.62 -0.66 -2.28
N GLU A 58 -24.54 -1.36 -1.67
CA GLU A 58 -25.79 -0.81 -1.18
C GLU A 58 -25.68 0.01 0.06
N ASN A 59 -24.77 -0.37 0.92
CA ASN A 59 -24.66 0.33 2.17
C ASN A 59 -23.56 1.35 2.35
N GLU A 60 -22.66 1.49 1.39
CA GLU A 60 -21.59 2.45 1.56
C GLU A 60 -22.01 3.86 1.29
N THR A 61 -21.91 4.67 2.33
CA THR A 61 -22.22 6.08 2.22
C THR A 61 -20.99 6.94 2.01
N THR A 62 -19.80 6.45 2.41
CA THR A 62 -18.57 7.22 2.29
C THR A 62 -17.27 6.42 2.00
N LYS A 63 -16.22 7.17 1.58
CA LYS A 63 -14.92 6.58 1.31
C LYS A 63 -13.85 7.26 2.16
N LEU A 64 -14.34 7.93 3.18
CA LEU A 64 -13.58 8.65 4.19
C LEU A 64 -12.29 7.92 4.52
N TYR A 65 -11.22 8.65 4.81
CA TYR A 65 -9.93 8.06 5.17
C TYR A 65 -10.09 7.11 6.35
N LEU A 66 -9.52 5.91 6.24
CA LEU A 66 -9.54 4.97 7.35
C LEU A 66 -8.51 5.45 8.38
N GLY A 67 -8.36 4.75 9.47
CA GLY A 67 -7.36 5.21 10.41
C GLY A 67 -6.03 4.68 9.91
N ILE A 68 -4.93 5.04 10.60
CA ILE A 68 -3.64 4.56 10.14
C ILE A 68 -3.59 3.06 10.27
N ASP A 69 -4.22 2.59 11.33
CA ASP A 69 -4.28 1.18 11.61
C ASP A 69 -5.45 0.44 10.98
N GLY A 70 -6.25 1.14 10.20
CA GLY A 70 -7.39 0.50 9.56
C GLY A 70 -8.59 0.30 10.47
N ILE A 71 -9.52 -0.53 9.92
CA ILE A 71 -10.82 -0.94 10.47
C ILE A 71 -10.65 -1.78 11.70
N PRO A 72 -11.03 -1.19 12.84
CA PRO A 72 -10.91 -1.84 14.12
C PRO A 72 -11.47 -3.25 14.10
N GLU A 73 -12.57 -3.39 13.38
CA GLU A 73 -13.21 -4.68 13.28
C GLU A 73 -12.27 -5.70 12.75
N PHE A 74 -11.74 -5.32 11.62
CA PHE A 74 -10.83 -6.11 10.87
C PHE A 74 -9.71 -6.66 11.72
N GLY A 75 -9.31 -5.88 12.74
CA GLY A 75 -8.22 -6.25 13.63
C GLY A 75 -8.68 -7.22 14.68
N ARG A 76 -9.71 -6.77 15.41
CA ARG A 76 -10.38 -7.52 16.45
C ARG A 76 -10.59 -8.96 16.00
N CYS A 77 -10.97 -9.06 14.76
CA CYS A 77 -11.26 -10.27 14.05
C CYS A 77 -10.02 -11.10 13.73
N THR A 78 -8.94 -10.40 13.35
CA THR A 78 -7.67 -11.02 12.98
C THR A 78 -7.02 -11.68 14.20
N GLN A 79 -6.99 -10.93 15.29
CA GLN A 79 -6.42 -11.49 16.50
C GLN A 79 -7.19 -12.76 16.88
N GLU A 80 -8.51 -12.72 16.80
CA GLU A 80 -9.31 -13.88 17.15
C GLU A 80 -8.92 -15.11 16.35
N LEU A 81 -8.75 -14.91 15.06
CA LEU A 81 -8.42 -16.00 14.17
C LEU A 81 -6.99 -16.45 14.32
N LEU A 82 -6.26 -15.58 15.02
CA LEU A 82 -4.83 -15.76 15.28
C LEU A 82 -4.61 -16.48 16.60
N PHE A 83 -5.00 -15.84 17.67
CA PHE A 83 -4.81 -16.36 19.00
C PHE A 83 -5.94 -17.29 19.53
N GLY A 84 -7.21 -17.06 19.09
CA GLY A 84 -8.35 -17.86 19.53
C GLY A 84 -9.24 -17.00 20.41
N LYS A 85 -10.54 -17.22 20.30
CA LYS A 85 -11.61 -16.50 20.99
C LYS A 85 -11.37 -16.02 22.42
N GLY A 86 -11.07 -16.96 23.30
CA GLY A 86 -10.85 -16.63 24.71
C GLY A 86 -9.50 -16.04 25.12
N SER A 87 -8.53 -16.30 24.35
CA SER A 87 -7.09 -15.98 24.64
C SER A 87 -6.82 -14.78 25.60
N ALA A 88 -5.80 -15.00 26.46
CA ALA A 88 -5.34 -14.00 27.46
C ALA A 88 -4.86 -12.75 26.76
N LEU A 89 -4.11 -12.99 25.68
CA LEU A 89 -3.53 -11.96 24.82
C LEU A 89 -4.58 -10.88 24.58
N ILE A 90 -5.71 -11.34 24.14
CA ILE A 90 -6.79 -10.48 23.86
C ILE A 90 -7.31 -9.88 25.15
N ASN A 91 -7.56 -10.74 26.12
CA ASN A 91 -8.06 -10.28 27.42
C ASN A 91 -7.09 -9.38 28.16
N ASP A 92 -5.81 -9.53 27.83
CA ASP A 92 -4.78 -8.74 28.47
C ASP A 92 -4.42 -7.54 27.64
N LYS A 93 -5.17 -7.37 26.57
CA LYS A 93 -4.97 -6.25 25.72
C LYS A 93 -3.52 -6.06 25.28
N ARG A 94 -2.81 -7.17 25.08
CA ARG A 94 -1.39 -7.19 24.71
C ARG A 94 -1.06 -7.20 23.24
N ALA A 95 -2.08 -7.19 22.39
CA ALA A 95 -1.90 -7.24 20.96
C ALA A 95 -2.43 -5.97 20.30
N ARG A 96 -1.84 -5.55 19.20
CA ARG A 96 -2.32 -4.38 18.53
C ARG A 96 -2.31 -4.79 17.10
N THR A 97 -3.21 -4.31 16.25
CA THR A 97 -3.19 -4.81 14.89
C THR A 97 -3.43 -3.71 13.90
N ALA A 98 -2.65 -3.77 12.84
CA ALA A 98 -2.74 -2.77 11.82
C ALA A 98 -3.06 -3.45 10.52
N GLN A 99 -4.09 -2.92 9.83
CA GLN A 99 -4.50 -3.45 8.54
C GLN A 99 -3.48 -2.98 7.48
N THR A 100 -3.03 -3.87 6.54
CA THR A 100 -1.99 -3.49 5.58
C THR A 100 -2.14 -4.02 4.15
N PRO A 101 -1.48 -3.30 3.25
CA PRO A 101 -1.47 -3.64 1.84
C PRO A 101 -0.94 -5.06 1.51
N GLY A 102 -1.49 -6.07 2.20
CA GLY A 102 -1.08 -7.43 1.94
C GLY A 102 -0.16 -7.91 3.04
N GLY A 103 0.39 -9.12 2.81
CA GLY A 103 1.33 -9.76 3.72
C GLY A 103 2.65 -9.09 3.47
N SER A 104 2.85 -8.72 2.19
CA SER A 104 4.02 -7.99 1.83
C SER A 104 4.12 -6.74 2.67
N GLY A 105 3.23 -5.79 2.47
CA GLY A 105 3.25 -4.56 3.27
C GLY A 105 3.39 -4.73 4.80
N ALA A 106 2.95 -5.88 5.35
CA ALA A 106 3.07 -6.06 6.78
C ALA A 106 4.51 -6.38 7.08
N LEU A 107 5.09 -7.18 6.17
CA LEU A 107 6.48 -7.56 6.29
C LEU A 107 7.28 -6.27 6.38
N ARG A 108 7.18 -5.48 5.31
CA ARG A 108 7.80 -4.17 5.23
C ARG A 108 7.47 -3.31 6.41
N VAL A 109 6.23 -3.29 6.85
CA VAL A 109 5.98 -2.46 7.99
C VAL A 109 6.75 -2.99 9.20
N ALA A 110 6.86 -4.31 9.31
CA ALA A 110 7.60 -4.93 10.39
C ALA A 110 9.09 -4.47 10.34
N ALA A 111 9.73 -4.70 9.19
CA ALA A 111 11.11 -4.30 8.92
C ALA A 111 11.37 -2.85 9.27
N ASP A 112 10.68 -1.90 8.61
CA ASP A 112 10.86 -0.48 8.94
C ASP A 112 10.58 -0.20 10.42
N PHE A 113 9.83 -1.05 11.14
CA PHE A 113 9.62 -0.69 12.53
C PHE A 113 10.79 -1.11 13.43
N LEU A 114 11.22 -2.35 13.21
CA LEU A 114 12.33 -3.00 13.88
C LEU A 114 13.55 -2.10 13.73
N ALA A 115 13.96 -1.99 12.46
CA ALA A 115 15.10 -1.21 12.00
C ALA A 115 15.23 0.12 12.67
N LYS A 116 14.11 0.81 12.71
CA LYS A 116 14.05 2.13 13.27
C LYS A 116 13.90 2.24 14.74
N ASN A 117 13.42 1.20 15.41
CA ASN A 117 13.20 1.37 16.83
C ASN A 117 13.74 0.30 17.70
N THR A 118 14.51 -0.65 17.14
CA THR A 118 14.92 -1.73 18.03
C THR A 118 16.34 -2.08 18.30
N SER A 119 17.23 -1.77 17.37
CA SER A 119 18.60 -2.21 17.51
C SER A 119 18.62 -3.63 17.09
N VAL A 120 17.69 -3.98 16.23
CA VAL A 120 17.72 -5.31 15.74
C VAL A 120 18.69 -5.18 14.58
N LYS A 121 19.51 -6.18 14.35
CA LYS A 121 20.52 -6.07 13.33
C LYS A 121 20.39 -7.10 12.27
N ARG A 122 19.96 -8.25 12.70
CA ARG A 122 19.85 -9.29 11.72
C ARG A 122 18.65 -10.21 11.91
N VAL A 123 18.16 -10.62 10.74
CA VAL A 123 17.03 -11.48 10.58
C VAL A 123 17.47 -12.79 9.96
N TRP A 124 17.02 -13.88 10.57
CA TRP A 124 17.29 -15.21 10.09
C TRP A 124 16.08 -15.80 9.34
N VAL A 125 16.31 -16.27 8.14
CA VAL A 125 15.26 -16.84 7.33
C VAL A 125 15.72 -18.07 6.57
N SER A 126 14.95 -19.11 6.78
CA SER A 126 15.11 -20.41 6.23
C SER A 126 15.69 -20.57 4.84
N ASN A 127 16.12 -21.81 4.65
CA ASN A 127 16.62 -22.29 3.43
C ASN A 127 15.90 -23.57 3.18
N PRO A 128 15.12 -23.56 2.10
CA PRO A 128 15.02 -22.34 1.32
C PRO A 128 13.96 -21.46 1.99
N SER A 129 13.72 -20.32 1.36
CA SER A 129 12.72 -19.37 1.86
C SER A 129 11.97 -18.76 0.68
N TRP A 130 11.00 -17.90 0.93
CA TRP A 130 10.31 -17.27 -0.17
C TRP A 130 11.17 -16.05 -0.58
N PRO A 131 11.59 -16.02 -1.85
CA PRO A 131 12.51 -15.01 -2.33
C PRO A 131 12.31 -13.57 -2.01
N ASN A 132 11.26 -13.16 -1.26
CA ASN A 132 11.07 -11.74 -1.03
C ASN A 132 11.34 -11.33 0.37
N HIS A 133 11.55 -12.32 1.15
CA HIS A 133 11.81 -12.05 2.50
C HIS A 133 13.12 -11.23 2.57
N LYS A 134 14.08 -11.66 1.78
CA LYS A 134 15.41 -11.03 1.67
C LYS A 134 15.34 -9.58 1.27
N SER A 135 14.81 -9.36 0.05
CA SER A 135 14.62 -8.06 -0.53
C SER A 135 13.88 -7.16 0.42
N VAL A 136 12.82 -7.67 1.05
CA VAL A 136 12.10 -6.81 1.95
C VAL A 136 12.98 -6.33 3.05
N PHE A 137 13.56 -7.29 3.78
CA PHE A 137 14.39 -6.99 4.92
C PHE A 137 15.62 -6.16 4.61
N ASN A 138 16.27 -6.45 3.48
CA ASN A 138 17.42 -5.70 3.09
C ASN A 138 17.10 -4.24 2.98
N SER A 139 16.09 -3.97 2.17
CA SER A 139 15.62 -2.61 1.96
C SER A 139 15.34 -1.81 3.22
N ALA A 140 15.22 -2.50 4.35
CA ALA A 140 15.02 -1.82 5.62
C ALA A 140 16.40 -1.69 6.30
N GLY A 141 17.39 -2.25 5.61
CA GLY A 141 18.76 -2.21 6.05
C GLY A 141 18.99 -3.18 7.18
N LEU A 142 18.66 -4.43 6.90
CA LEU A 142 18.80 -5.50 7.82
C LEU A 142 19.60 -6.62 7.18
N GLU A 143 20.27 -7.39 8.02
CA GLU A 143 21.11 -8.48 7.57
C GLU A 143 20.31 -9.75 7.50
N VAL A 144 20.43 -10.44 6.37
CA VAL A 144 19.70 -11.67 6.23
C VAL A 144 20.57 -12.91 6.30
N ARG A 145 20.45 -13.66 7.39
CA ARG A 145 21.19 -14.89 7.54
C ARG A 145 20.22 -16.05 7.37
N GLU A 146 20.72 -17.20 6.90
CA GLU A 146 19.91 -18.37 6.68
C GLU A 146 20.08 -19.51 7.69
N TYR A 147 18.98 -20.13 8.07
CA TYR A 147 19.06 -21.23 8.95
C TYR A 147 18.83 -22.45 8.11
N ALA A 148 19.18 -23.63 8.55
CA ALA A 148 18.94 -24.77 7.66
C ALA A 148 17.55 -25.37 7.93
N TYR A 149 16.93 -26.00 6.95
CA TYR A 149 15.58 -26.45 7.22
C TYR A 149 15.16 -27.73 6.55
N TYR A 150 15.44 -27.79 5.29
CA TYR A 150 14.99 -28.88 4.53
C TYR A 150 15.97 -29.96 4.21
N ASP A 151 15.59 -31.19 4.54
CA ASP A 151 16.46 -32.32 4.23
C ASP A 151 16.07 -32.90 2.90
N ALA A 152 16.84 -32.54 1.88
CA ALA A 152 16.60 -33.02 0.53
C ALA A 152 16.36 -34.53 0.53
N GLU A 153 17.45 -35.30 0.62
CA GLU A 153 17.49 -36.76 0.61
C GLU A 153 16.26 -37.53 1.07
N ASN A 154 15.56 -37.08 2.08
CA ASN A 154 14.37 -37.78 2.50
C ASN A 154 13.21 -36.83 2.63
N HIS A 155 13.43 -35.68 1.98
CA HIS A 155 12.51 -34.59 1.89
C HIS A 155 11.87 -34.33 3.20
N THR A 156 12.61 -33.71 4.09
CA THR A 156 12.03 -33.44 5.37
C THR A 156 12.72 -32.36 6.15
N LEU A 157 12.05 -32.01 7.20
CA LEU A 157 12.49 -31.01 8.10
C LEU A 157 13.58 -31.54 9.03
N ASP A 158 14.87 -31.39 8.64
CA ASP A 158 15.99 -31.79 9.49
C ASP A 158 16.02 -30.98 10.79
N PHE A 159 15.28 -31.39 11.84
CA PHE A 159 15.26 -30.63 13.07
C PHE A 159 16.67 -30.39 13.61
N ASP A 160 17.55 -31.29 13.21
CA ASP A 160 18.93 -31.23 13.65
C ASP A 160 19.72 -30.06 13.09
N ALA A 161 19.84 -30.01 11.78
CA ALA A 161 20.50 -28.86 11.19
C ALA A 161 19.69 -27.60 11.56
N LEU A 162 18.39 -27.78 11.84
CA LEU A 162 17.58 -26.65 12.23
C LEU A 162 18.18 -26.09 13.49
N ILE A 163 18.16 -26.90 14.55
CA ILE A 163 18.67 -26.53 15.87
C ILE A 163 20.15 -26.11 15.88
N ASN A 164 20.96 -26.78 15.10
CA ASN A 164 22.35 -26.43 15.10
C ASN A 164 22.69 -25.13 14.41
N SER A 165 22.05 -24.86 13.28
CA SER A 165 22.30 -23.62 12.54
C SER A 165 21.78 -22.38 13.19
N LEU A 166 20.91 -22.56 14.18
CA LEU A 166 20.31 -21.46 14.90
C LEU A 166 21.06 -21.22 16.17
N ASN A 167 22.04 -22.07 16.42
CA ASN A 167 22.81 -21.87 17.62
C ASN A 167 23.60 -20.59 17.55
N GLU A 168 23.83 -20.11 16.34
CA GLU A 168 24.53 -18.87 16.19
C GLU A 168 23.61 -17.68 16.15
N ALA A 169 22.32 -17.94 16.37
CA ALA A 169 21.40 -16.86 16.41
C ALA A 169 21.85 -16.09 17.61
N GLN A 170 21.78 -14.77 17.62
CA GLN A 170 22.21 -14.10 18.83
C GLN A 170 21.04 -13.65 19.66
N ALA A 171 21.29 -13.29 20.90
CA ALA A 171 20.19 -12.77 21.67
C ALA A 171 19.89 -11.43 21.00
N GLY A 172 18.59 -11.18 20.82
CA GLY A 172 18.18 -9.95 20.15
C GLY A 172 18.13 -10.15 18.66
N ASP A 173 18.40 -11.37 18.23
CA ASP A 173 18.31 -11.56 16.81
C ASP A 173 16.81 -11.74 16.48
N VAL A 174 16.47 -11.89 15.22
CA VAL A 174 15.07 -12.08 14.91
C VAL A 174 14.95 -13.34 14.14
N VAL A 175 14.24 -14.33 14.70
CA VAL A 175 14.03 -15.55 13.96
C VAL A 175 12.68 -15.50 13.21
N LEU A 176 12.68 -15.87 11.94
CA LEU A 176 11.46 -15.80 11.14
C LEU A 176 10.91 -17.13 10.70
N PHE A 177 9.70 -17.39 11.20
CA PHE A 177 8.94 -18.62 10.91
C PHE A 177 7.65 -18.45 10.06
N HIS A 178 7.42 -19.44 9.18
CA HIS A 178 6.22 -19.61 8.38
C HIS A 178 5.29 -20.40 9.31
N GLY A 179 4.16 -19.83 9.80
CA GLY A 179 3.24 -20.47 10.75
C GLY A 179 2.75 -21.83 10.31
N CYS A 180 2.58 -21.98 9.01
CA CYS A 180 2.15 -23.26 8.46
C CYS A 180 2.28 -23.19 6.96
N CYS A 181 2.34 -24.33 6.32
CA CYS A 181 2.42 -24.31 4.90
C CYS A 181 3.66 -23.57 4.40
N HIS A 182 4.80 -24.25 4.52
CA HIS A 182 6.13 -23.78 4.14
C HIS A 182 6.31 -23.57 2.65
N ASN A 183 6.57 -22.35 2.29
CA ASN A 183 6.82 -21.98 0.93
C ASN A 183 8.30 -21.73 0.85
N PRO A 184 8.97 -22.50 0.04
CA PRO A 184 8.36 -23.43 -0.91
C PRO A 184 8.46 -24.94 -0.66
N THR A 185 8.64 -25.41 0.56
CA THR A 185 8.74 -26.84 0.71
C THR A 185 7.43 -27.56 0.93
N GLY A 186 6.67 -27.13 1.93
CA GLY A 186 5.43 -27.77 2.25
C GLY A 186 5.61 -28.67 3.44
N ILE A 187 6.69 -28.46 4.18
CA ILE A 187 6.99 -29.27 5.34
C ILE A 187 6.92 -28.40 6.55
N ASP A 188 6.26 -28.85 7.59
CA ASP A 188 6.14 -28.02 8.76
C ASP A 188 6.58 -28.73 10.05
N PRO A 189 7.09 -27.99 11.02
CA PRO A 189 7.41 -28.65 12.25
C PRO A 189 6.11 -29.06 12.96
N THR A 190 6.19 -30.15 13.72
CA THR A 190 5.09 -30.70 14.47
C THR A 190 4.73 -29.81 15.66
N LEU A 191 3.59 -30.07 16.33
CA LEU A 191 3.26 -29.25 17.48
C LEU A 191 4.40 -29.41 18.49
N GLU A 192 4.93 -30.61 18.51
CA GLU A 192 6.03 -30.89 19.39
C GLU A 192 7.24 -30.07 18.96
N GLN A 193 7.68 -30.29 17.70
CA GLN A 193 8.80 -29.53 17.16
C GLN A 193 8.58 -28.03 17.35
N TRP A 194 7.32 -27.62 17.38
CA TRP A 194 6.97 -26.25 17.61
C TRP A 194 7.19 -25.91 19.06
N GLN A 195 6.73 -26.80 19.92
CA GLN A 195 6.78 -26.63 21.37
C GLN A 195 8.19 -26.42 21.89
N THR A 196 9.10 -27.04 21.20
CA THR A 196 10.52 -27.03 21.44
C THR A 196 11.19 -25.69 21.06
N LEU A 197 11.00 -25.30 19.80
CA LEU A 197 11.50 -24.04 19.28
C LEU A 197 11.04 -22.93 20.17
N ALA A 198 9.78 -23.03 20.57
CA ALA A 198 9.24 -22.03 21.45
C ALA A 198 10.07 -21.93 22.72
N GLN A 199 10.54 -23.11 23.15
CA GLN A 199 11.36 -23.25 24.34
C GLN A 199 12.75 -22.63 24.16
N LEU A 200 13.37 -22.98 23.05
CA LEU A 200 14.67 -22.43 22.72
C LEU A 200 14.60 -20.92 22.74
N SER A 201 14.02 -20.40 21.63
CA SER A 201 13.85 -19.01 21.33
C SER A 201 13.66 -18.17 22.56
N VAL A 202 12.97 -18.74 23.54
CA VAL A 202 12.79 -18.06 24.80
C VAL A 202 14.14 -18.01 25.52
N GLU A 203 14.64 -19.21 25.73
CA GLU A 203 15.91 -19.48 26.39
C GLU A 203 17.08 -18.75 25.78
N LYS A 204 17.11 -18.68 24.46
CA LYS A 204 18.17 -18.01 23.74
C LYS A 204 17.96 -16.53 23.42
N GLY A 205 16.84 -15.93 23.87
CA GLY A 205 16.53 -14.51 23.67
C GLY A 205 16.25 -14.01 22.25
N TRP A 206 15.49 -14.77 21.42
CA TRP A 206 15.11 -14.35 20.06
C TRP A 206 13.71 -13.73 19.97
N LEU A 207 13.55 -12.90 18.93
CA LEU A 207 12.30 -12.23 18.56
C LEU A 207 11.72 -13.08 17.43
N PRO A 208 10.66 -13.86 17.67
CA PRO A 208 10.16 -14.62 16.57
C PRO A 208 9.24 -13.75 15.74
N LEU A 209 9.31 -13.95 14.44
CA LEU A 209 8.50 -13.22 13.49
C LEU A 209 7.78 -14.20 12.59
N PHE A 210 6.49 -14.42 12.84
CA PHE A 210 5.74 -15.37 12.03
C PHE A 210 5.17 -14.83 10.75
N ASP A 211 5.42 -15.56 9.66
CA ASP A 211 4.87 -15.24 8.37
C ASP A 211 3.75 -16.23 8.07
N PHE A 212 2.51 -15.78 8.31
CA PHE A 212 1.24 -16.50 8.18
C PHE A 212 0.46 -16.09 6.93
N ALA A 213 0.50 -16.89 5.88
CA ALA A 213 -0.16 -16.45 4.69
C ALA A 213 -1.02 -17.49 4.06
N TYR A 214 -1.37 -18.49 4.83
CA TYR A 214 -2.15 -19.57 4.32
C TYR A 214 -2.94 -20.25 5.40
N GLN A 215 -3.32 -19.54 6.49
CA GLN A 215 -4.07 -20.20 7.54
C GLN A 215 -5.31 -20.81 6.98
N GLY A 216 -5.44 -22.12 7.09
CA GLY A 216 -6.62 -22.79 6.55
C GLY A 216 -6.36 -23.80 5.46
N PHE A 217 -5.21 -23.76 4.83
CA PHE A 217 -4.88 -24.70 3.76
C PHE A 217 -4.07 -25.88 4.25
N ALA A 218 -3.74 -25.92 5.53
CA ALA A 218 -2.99 -27.08 5.98
C ALA A 218 -3.97 -28.12 6.49
N ARG A 219 -4.40 -27.88 7.70
CA ARG A 219 -5.40 -28.72 8.32
C ARG A 219 -6.68 -27.90 8.35
N GLY A 220 -6.66 -26.74 9.02
CA GLY A 220 -7.80 -25.83 9.08
C GLY A 220 -7.48 -24.66 9.97
N LEU A 221 -8.32 -23.64 9.95
CA LEU A 221 -8.14 -22.42 10.75
C LEU A 221 -7.50 -22.55 12.12
N GLU A 222 -8.20 -23.12 13.11
CA GLU A 222 -7.58 -23.23 14.42
C GLU A 222 -6.39 -24.18 14.46
N GLU A 223 -6.46 -25.29 13.72
CA GLU A 223 -5.37 -26.27 13.74
C GLU A 223 -4.03 -25.67 13.29
N ASP A 224 -4.05 -24.96 12.18
CA ASP A 224 -2.88 -24.36 11.61
C ASP A 224 -2.24 -23.29 12.47
N ALA A 225 -2.87 -22.84 13.53
CA ALA A 225 -2.30 -21.77 14.33
C ALA A 225 -1.62 -22.24 15.63
N GLU A 226 -1.37 -23.54 15.69
CA GLU A 226 -0.79 -24.20 16.86
C GLU A 226 0.58 -23.69 17.27
N GLY A 227 1.50 -23.75 16.31
CA GLY A 227 2.86 -23.28 16.48
C GLY A 227 2.80 -21.87 17.02
N LEU A 228 2.04 -21.05 16.34
CA LEU A 228 1.89 -19.69 16.76
C LEU A 228 1.36 -19.63 18.19
N ARG A 229 0.30 -20.37 18.45
CA ARG A 229 -0.32 -20.33 19.77
C ARG A 229 0.54 -20.87 20.88
N ALA A 230 1.47 -21.76 20.50
CA ALA A 230 2.44 -22.32 21.44
C ALA A 230 3.37 -21.17 21.85
N PHE A 231 3.91 -20.52 20.81
CA PHE A 231 4.76 -19.37 20.98
C PHE A 231 4.08 -18.34 21.83
N ALA A 232 2.85 -17.97 21.48
CA ALA A 232 2.13 -16.98 22.26
C ALA A 232 2.11 -17.27 23.76
N ALA A 233 2.13 -18.54 24.12
CA ALA A 233 2.12 -18.82 25.55
C ALA A 233 3.40 -18.37 26.25
N MET A 234 4.51 -18.79 25.67
CA MET A 234 5.83 -18.52 26.15
C MET A 234 6.23 -17.06 26.05
N HIS A 235 6.29 -16.58 24.83
CA HIS A 235 6.70 -15.23 24.58
C HIS A 235 5.92 -14.10 25.17
N LYS A 236 6.68 -13.01 25.28
CA LYS A 236 6.26 -11.76 25.80
C LYS A 236 6.15 -10.79 24.65
N GLU A 237 6.95 -11.10 23.61
CA GLU A 237 7.02 -10.26 22.43
C GLU A 237 6.95 -11.05 21.18
N LEU A 238 6.15 -10.55 20.25
CA LEU A 238 5.93 -11.28 19.03
C LEU A 238 5.42 -10.38 17.94
N ILE A 239 5.79 -10.75 16.71
CA ILE A 239 5.38 -10.10 15.50
C ILE A 239 4.79 -11.10 14.52
N VAL A 240 3.61 -10.72 13.95
CA VAL A 240 2.87 -11.56 13.01
C VAL A 240 2.41 -10.83 11.76
N ALA A 241 2.88 -11.33 10.60
CA ALA A 241 2.53 -10.81 9.32
C ALA A 241 1.61 -11.80 8.62
N SER A 242 0.35 -11.45 8.70
CA SER A 242 -0.76 -12.24 8.15
C SER A 242 -1.26 -11.70 6.82
N SER A 243 -1.77 -12.60 5.98
CA SER A 243 -2.33 -12.21 4.71
C SER A 243 -3.63 -13.00 4.42
N TYR A 244 -4.64 -12.30 3.88
CA TYR A 244 -5.92 -12.89 3.52
C TYR A 244 -5.99 -13.24 2.02
N SER A 245 -4.93 -12.94 1.29
CA SER A 245 -4.85 -13.19 -0.14
C SER A 245 -5.19 -14.58 -0.63
N LYS A 246 -4.98 -15.57 0.18
CA LYS A 246 -5.23 -16.89 -0.33
C LYS A 246 -6.42 -17.56 0.24
N ASN A 247 -6.65 -17.33 1.52
CA ASN A 247 -7.78 -17.94 2.13
C ASN A 247 -9.14 -17.25 1.79
N PHE A 248 -9.06 -16.07 1.19
CA PHE A 248 -10.24 -15.37 0.76
C PHE A 248 -10.18 -15.00 -0.70
N GLY A 249 -9.25 -15.59 -1.46
CA GLY A 249 -9.07 -15.27 -2.89
C GLY A 249 -8.97 -13.74 -3.20
N LEU A 250 -8.49 -12.93 -2.25
CA LEU A 250 -8.48 -11.50 -2.46
C LEU A 250 -7.16 -10.95 -2.96
N TYR A 251 -6.44 -11.78 -3.72
CA TYR A 251 -5.13 -11.42 -4.24
C TYR A 251 -4.88 -10.01 -4.66
N ASN A 252 -5.77 -9.42 -5.42
CA ASN A 252 -5.45 -8.08 -5.87
C ASN A 252 -5.92 -6.87 -5.12
N GLU A 253 -6.50 -7.02 -3.94
CA GLU A 253 -6.99 -5.84 -3.16
C GLU A 253 -6.06 -5.55 -1.97
N ARG A 254 -5.04 -6.42 -1.88
CA ARG A 254 -4.01 -6.35 -0.89
C ARG A 254 -4.59 -6.29 0.47
N VAL A 255 -4.79 -7.45 1.11
CA VAL A 255 -5.32 -7.51 2.47
C VAL A 255 -4.49 -8.41 3.36
N GLY A 256 -3.89 -7.88 4.42
CA GLY A 256 -3.13 -8.76 5.27
C GLY A 256 -3.02 -8.02 6.55
N ALA A 257 -2.29 -8.55 7.50
CA ALA A 257 -2.15 -7.79 8.72
C ALA A 257 -0.81 -8.00 9.41
N CYS A 258 -0.53 -7.07 10.34
CA CYS A 258 0.66 -7.01 11.16
C CYS A 258 0.25 -6.83 12.60
N THR A 259 0.54 -7.86 13.37
CA THR A 259 0.22 -7.92 14.77
C THR A 259 1.48 -7.89 15.60
N LEU A 260 1.48 -7.03 16.64
CA LEU A 260 2.53 -6.71 17.61
C LEU A 260 2.17 -7.19 19.00
N VAL A 261 2.94 -8.15 19.55
CA VAL A 261 2.70 -8.64 20.91
C VAL A 261 3.71 -8.10 21.89
N ALA A 262 3.28 -7.66 23.08
CA ALA A 262 4.20 -7.16 24.08
C ALA A 262 3.82 -7.64 25.49
N ALA A 263 4.59 -7.26 26.48
CA ALA A 263 4.29 -7.74 27.78
C ALA A 263 3.04 -7.13 28.40
N ASP A 264 2.76 -5.90 28.09
CA ASP A 264 1.61 -5.29 28.66
C ASP A 264 0.93 -4.29 27.76
N SER A 265 -0.23 -3.83 28.21
CA SER A 265 -0.99 -2.89 27.46
C SER A 265 -0.18 -1.64 27.19
N GLU A 266 0.40 -1.08 28.26
CA GLU A 266 1.20 0.11 28.10
C GLU A 266 2.32 -0.05 27.09
N THR A 267 3.01 -1.16 27.17
CA THR A 267 4.10 -1.41 26.26
C THR A 267 3.62 -1.38 24.83
N VAL A 268 2.86 -2.46 24.43
CA VAL A 268 2.28 -2.61 23.07
C VAL A 268 1.78 -1.29 22.61
N ASP A 269 1.17 -0.54 23.53
CA ASP A 269 0.67 0.76 23.19
C ASP A 269 1.79 1.63 22.60
N ARG A 270 2.75 2.02 23.47
CA ARG A 270 3.90 2.83 23.09
C ARG A 270 4.50 2.27 21.82
N ALA A 271 4.84 1.00 21.89
CA ALA A 271 5.45 0.35 20.77
C ALA A 271 4.65 0.43 19.48
N PHE A 272 3.31 0.57 19.58
CA PHE A 272 2.44 0.62 18.39
C PHE A 272 2.33 2.03 17.82
N SER A 273 2.54 3.03 18.67
CA SER A 273 2.52 4.39 18.17
C SER A 273 3.65 4.49 17.19
N GLN A 274 4.72 3.80 17.52
CA GLN A 274 5.91 3.79 16.69
C GLN A 274 5.63 3.15 15.31
N MET A 275 4.91 2.01 15.36
CA MET A 275 4.50 1.30 14.16
C MET A 275 3.66 2.15 13.26
N LYS A 276 2.71 2.83 13.86
CA LYS A 276 1.84 3.68 13.12
C LYS A 276 2.67 4.69 12.40
N ALA A 277 3.59 5.30 13.16
CA ALA A 277 4.51 6.32 12.66
C ALA A 277 5.24 5.85 11.40
N ALA A 278 5.62 4.59 11.42
CA ALA A 278 6.29 3.98 10.34
C ALA A 278 5.33 3.80 9.17
N ILE A 279 4.04 3.74 9.47
CA ILE A 279 3.00 3.55 8.45
C ILE A 279 2.73 4.88 7.75
N ARG A 280 2.69 5.90 8.56
CA ARG A 280 2.47 7.22 8.04
C ARG A 280 3.53 7.67 7.03
N ALA A 281 4.74 7.13 7.12
CA ALA A 281 5.83 7.53 6.24
C ALA A 281 5.91 6.69 5.02
N ASN A 282 5.09 5.63 5.00
CA ASN A 282 5.00 4.74 3.83
C ASN A 282 3.77 5.10 3.00
N TYR A 283 2.66 4.39 3.25
CA TYR A 283 1.47 4.60 2.48
C TYR A 283 0.36 5.38 3.18
N SER A 284 0.58 5.88 4.39
CA SER A 284 -0.48 6.62 5.07
C SER A 284 -1.59 5.84 5.81
N SER A 285 -2.44 5.19 5.05
CA SER A 285 -3.54 4.41 5.62
C SER A 285 -3.81 3.27 4.68
N PRO A 286 -4.48 2.23 5.14
CA PRO A 286 -4.74 1.07 4.28
C PRO A 286 -5.90 1.22 3.28
N PRO A 287 -5.94 0.40 2.24
CA PRO A 287 -7.02 0.42 1.25
C PRO A 287 -8.25 -0.23 1.87
N ALA A 288 -9.42 0.38 1.73
CA ALA A 288 -10.60 -0.18 2.36
C ALA A 288 -11.37 -1.40 1.83
N HIS A 289 -11.72 -1.50 0.54
CA HIS A 289 -12.53 -2.59 -0.05
C HIS A 289 -12.29 -3.95 0.56
N GLY A 290 -11.25 -4.63 0.01
CA GLY A 290 -10.81 -5.94 0.46
C GLY A 290 -10.92 -6.16 1.97
N ALA A 291 -10.33 -5.30 2.78
CA ALA A 291 -10.40 -5.51 4.21
C ALA A 291 -11.83 -5.49 4.73
N SER A 292 -12.64 -4.55 4.19
CA SER A 292 -14.03 -4.40 4.55
C SER A 292 -14.78 -5.65 4.12
N VAL A 293 -14.33 -6.24 3.09
CA VAL A 293 -14.96 -7.42 2.67
C VAL A 293 -14.71 -8.54 3.67
N VAL A 294 -13.59 -8.47 4.42
CA VAL A 294 -13.20 -9.52 5.39
C VAL A 294 -13.85 -9.35 6.74
N ALA A 295 -13.97 -8.14 7.15
CA ALA A 295 -14.60 -7.94 8.40
C ALA A 295 -16.07 -8.32 8.21
N THR A 296 -16.64 -7.98 7.05
CA THR A 296 -18.01 -8.25 6.73
C THR A 296 -18.37 -9.71 6.93
N ILE A 297 -17.64 -10.50 6.21
CA ILE A 297 -17.79 -11.92 6.25
C ILE A 297 -17.44 -12.54 7.60
N LEU A 298 -16.53 -11.95 8.35
CA LEU A 298 -16.17 -12.60 9.61
C LEU A 298 -17.03 -12.12 10.75
N SER A 299 -17.78 -11.06 10.50
CA SER A 299 -18.65 -10.59 11.57
C SER A 299 -20.10 -11.11 11.43
N ASN A 300 -20.39 -11.78 10.28
CA ASN A 300 -21.70 -12.35 9.93
C ASN A 300 -21.70 -13.88 9.87
N ASP A 301 -22.37 -14.47 10.86
CA ASP A 301 -22.47 -15.91 11.01
C ASP A 301 -22.80 -16.66 9.78
N ALA A 302 -23.68 -16.08 9.00
CA ALA A 302 -24.13 -16.68 7.78
C ALA A 302 -23.06 -16.74 6.70
N LEU A 303 -22.60 -15.55 6.26
CA LEU A 303 -21.60 -15.47 5.21
C LEU A 303 -20.35 -16.18 5.67
N ARG A 304 -20.15 -16.07 7.00
CA ARG A 304 -19.04 -16.74 7.64
C ARG A 304 -19.14 -18.18 7.21
N ALA A 305 -20.22 -18.83 7.70
CA ALA A 305 -20.57 -20.20 7.35
C ALA A 305 -20.33 -20.56 5.89
N ILE A 306 -20.71 -19.66 4.99
CA ILE A 306 -20.51 -19.91 3.56
C ILE A 306 -19.03 -19.94 3.23
N TRP A 307 -18.29 -19.03 3.95
CA TRP A 307 -16.85 -18.88 3.77
C TRP A 307 -16.11 -20.15 4.09
N GLU A 308 -16.22 -20.51 5.36
CA GLU A 308 -15.58 -21.68 5.89
C GLU A 308 -15.75 -22.90 5.01
N GLN A 309 -16.71 -22.88 4.10
CA GLN A 309 -16.88 -24.04 3.24
C GLN A 309 -16.15 -23.87 1.95
N GLU A 310 -16.13 -22.65 1.43
CA GLU A 310 -15.39 -22.46 0.18
C GLU A 310 -13.92 -22.77 0.41
N LEU A 311 -13.46 -22.41 1.61
CA LEU A 311 -12.09 -22.65 2.06
C LEU A 311 -11.86 -24.15 2.07
N THR A 312 -12.65 -24.82 2.97
CA THR A 312 -12.59 -26.29 3.09
C THR A 312 -12.62 -26.94 1.75
N ASP A 313 -13.40 -26.38 0.87
CA ASP A 313 -13.45 -26.96 -0.43
C ASP A 313 -12.19 -26.72 -1.25
N MET A 314 -11.52 -25.57 -1.03
CA MET A 314 -10.29 -25.28 -1.79
C MET A 314 -9.20 -26.26 -1.37
N ARG A 315 -9.11 -26.45 -0.06
CA ARG A 315 -8.17 -27.37 0.51
C ARG A 315 -8.40 -28.74 -0.07
N GLN A 316 -9.63 -29.28 0.12
CA GLN A 316 -9.93 -30.60 -0.42
C GLN A 316 -9.55 -30.82 -1.87
N ARG A 317 -9.85 -29.89 -2.73
CA ARG A 317 -9.50 -30.10 -4.12
C ARG A 317 -8.01 -30.08 -4.37
N ILE A 318 -7.30 -29.48 -3.42
CA ILE A 318 -5.87 -29.42 -3.57
C ILE A 318 -5.31 -30.77 -3.25
N GLN A 319 -5.68 -31.27 -2.06
CA GLN A 319 -5.24 -32.58 -1.63
C GLN A 319 -5.51 -33.61 -2.68
N ARG A 320 -6.60 -33.41 -3.46
CA ARG A 320 -7.00 -34.35 -4.51
C ARG A 320 -6.10 -34.26 -5.73
N MET A 321 -5.63 -33.03 -5.95
CA MET A 321 -4.75 -32.76 -7.06
C MET A 321 -3.34 -33.32 -6.81
N ARG A 322 -3.03 -33.46 -5.51
CA ARG A 322 -1.80 -34.02 -5.00
C ARG A 322 -1.80 -35.49 -5.38
N GLN A 323 -2.56 -36.29 -4.59
CA GLN A 323 -2.65 -37.72 -4.86
C GLN A 323 -2.94 -38.08 -6.28
N LEU A 324 -3.50 -37.19 -7.07
CA LEU A 324 -3.74 -37.54 -8.46
C LEU A 324 -2.44 -37.39 -9.27
N PHE A 325 -1.62 -36.41 -8.84
CA PHE A 325 -0.35 -36.04 -9.49
C PHE A 325 0.66 -37.14 -9.44
N VAL A 326 0.87 -37.64 -8.23
CA VAL A 326 1.80 -38.70 -8.14
C VAL A 326 1.24 -39.88 -8.88
N ASN A 327 -0.03 -40.19 -8.61
CA ASN A 327 -0.66 -41.32 -9.29
C ASN A 327 -0.49 -41.36 -10.78
N THR A 328 -0.70 -40.23 -11.44
CA THR A 328 -0.56 -40.14 -12.88
C THR A 328 0.90 -40.12 -13.32
N LEU A 329 1.75 -39.66 -12.39
CA LEU A 329 3.19 -39.56 -12.59
C LEU A 329 3.73 -40.95 -12.82
N GLN A 330 3.58 -41.77 -11.77
CA GLN A 330 4.00 -43.15 -11.74
C GLN A 330 3.39 -43.92 -12.91
N GLU A 331 2.10 -43.81 -13.00
CA GLU A 331 1.35 -44.48 -14.02
C GLU A 331 1.70 -44.02 -15.42
N LYS A 332 2.70 -43.16 -15.55
CA LYS A 332 2.98 -42.64 -16.89
C LYS A 332 4.44 -42.75 -17.37
N GLY A 333 5.32 -43.18 -16.48
CA GLY A 333 6.74 -43.33 -16.75
C GLY A 333 7.52 -43.26 -15.45
N ALA A 334 7.86 -42.03 -15.07
CA ALA A 334 8.58 -41.70 -13.84
C ALA A 334 9.54 -42.76 -13.30
N ASN A 335 10.76 -42.30 -13.12
CA ASN A 335 11.84 -43.12 -12.58
C ASN A 335 11.80 -42.89 -11.10
N ARG A 336 11.75 -41.63 -10.78
CA ARG A 336 11.69 -41.25 -9.41
C ARG A 336 10.41 -41.73 -8.80
N ASP A 337 10.40 -41.60 -7.49
CA ASP A 337 9.29 -41.91 -6.65
C ASP A 337 8.95 -40.60 -5.97
N PHE A 338 7.86 -40.00 -6.44
CA PHE A 338 7.37 -38.73 -5.97
C PHE A 338 6.44 -38.81 -4.81
N SER A 339 6.37 -39.98 -4.24
CA SER A 339 5.50 -40.25 -3.14
C SER A 339 5.71 -39.35 -1.94
N PHE A 340 6.75 -38.57 -1.94
CA PHE A 340 6.96 -37.75 -0.76
C PHE A 340 6.06 -36.54 -0.83
N ILE A 341 5.58 -36.32 -2.04
CA ILE A 341 4.71 -35.20 -2.33
C ILE A 341 3.49 -35.15 -1.44
N ILE A 342 2.79 -36.29 -1.36
CA ILE A 342 1.60 -36.37 -0.55
C ILE A 342 1.82 -35.92 0.89
N LYS A 343 3.07 -35.70 1.28
CA LYS A 343 3.36 -35.28 2.64
C LYS A 343 3.62 -33.78 2.78
N GLN A 344 3.25 -33.02 1.77
CA GLN A 344 3.44 -31.60 1.79
C GLN A 344 2.12 -30.87 1.96
N ASN A 345 2.12 -29.73 2.65
CA ASN A 345 0.94 -28.91 2.92
C ASN A 345 0.80 -27.64 2.10
N GLY A 346 -0.37 -27.39 1.56
CA GLY A 346 -0.56 -26.15 0.86
C GLY A 346 -0.57 -26.26 -0.65
N MET A 347 -0.59 -25.09 -1.29
CA MET A 347 -0.62 -25.03 -2.74
C MET A 347 0.57 -25.55 -3.50
N PHE A 348 1.72 -25.74 -2.83
CA PHE A 348 2.88 -26.18 -3.60
C PHE A 348 3.54 -27.47 -3.27
N SER A 349 4.45 -27.75 -4.18
CA SER A 349 5.26 -28.91 -4.09
C SER A 349 6.68 -28.69 -4.57
N PHE A 350 7.59 -28.99 -3.65
CA PHE A 350 9.00 -28.95 -3.93
C PHE A 350 9.25 -30.21 -4.74
N SER A 351 9.19 -30.03 -6.04
CA SER A 351 9.29 -31.10 -6.99
C SER A 351 10.55 -31.93 -7.11
N GLY A 352 11.71 -31.40 -6.76
CA GLY A 352 12.94 -32.17 -6.90
C GLY A 352 13.49 -32.09 -8.33
N LEU A 353 12.90 -31.20 -9.11
CA LEU A 353 13.33 -31.00 -10.45
C LEU A 353 14.56 -30.08 -10.46
N THR A 354 15.28 -30.11 -11.58
CA THR A 354 16.52 -29.39 -11.86
C THR A 354 16.29 -28.05 -12.55
N LYS A 355 17.18 -27.06 -12.29
CA LYS A 355 17.09 -25.74 -12.90
C LYS A 355 16.99 -25.89 -14.37
N GLU A 356 17.77 -26.81 -14.86
CA GLU A 356 17.81 -27.08 -16.28
C GLU A 356 16.61 -27.94 -16.68
N GLN A 357 15.92 -28.51 -15.68
CA GLN A 357 14.73 -29.31 -15.98
C GLN A 357 13.55 -28.38 -16.19
N VAL A 358 13.31 -27.48 -15.20
CA VAL A 358 12.26 -26.50 -15.34
C VAL A 358 12.44 -25.52 -16.51
N LEU A 359 13.67 -25.41 -17.01
CA LEU A 359 14.01 -24.52 -18.13
C LEU A 359 13.59 -25.14 -19.40
N ARG A 360 13.46 -26.43 -19.33
CA ARG A 360 13.14 -27.19 -20.51
C ARG A 360 11.68 -27.53 -20.68
N LEU A 361 11.01 -27.74 -19.54
CA LEU A 361 9.61 -28.00 -19.56
C LEU A 361 9.09 -26.74 -20.22
N ARG A 362 9.39 -25.61 -19.60
CA ARG A 362 8.98 -24.30 -20.09
C ARG A 362 9.26 -24.01 -21.54
N GLU A 363 10.44 -24.30 -21.96
CA GLU A 363 10.81 -24.00 -23.32
C GLU A 363 10.23 -24.95 -24.34
N GLU A 364 10.23 -26.20 -23.98
CA GLU A 364 9.80 -27.29 -24.84
C GLU A 364 8.34 -27.77 -24.69
N PHE A 365 7.66 -27.49 -23.56
CA PHE A 365 6.29 -27.95 -23.39
C PHE A 365 5.27 -26.94 -22.91
N GLY A 366 5.67 -25.70 -22.73
CA GLY A 366 4.75 -24.69 -22.25
C GLY A 366 4.51 -24.77 -20.75
N VAL A 367 5.13 -25.75 -20.07
CA VAL A 367 4.95 -25.84 -18.65
C VAL A 367 5.62 -24.66 -17.92
N TYR A 368 5.12 -24.24 -16.74
CA TYR A 368 5.68 -23.10 -16.02
C TYR A 368 5.83 -23.24 -14.52
N ALA A 369 7.01 -23.65 -14.08
CA ALA A 369 7.29 -23.77 -12.68
C ALA A 369 8.33 -22.74 -12.30
N VAL A 370 8.57 -22.57 -11.02
CA VAL A 370 9.58 -21.64 -10.62
C VAL A 370 10.94 -22.34 -10.84
N ALA A 371 12.05 -21.62 -10.75
CA ALA A 371 13.34 -22.27 -10.98
C ALA A 371 13.77 -23.25 -9.90
N SER A 372 13.40 -22.95 -8.68
CA SER A 372 13.71 -23.84 -7.59
C SER A 372 13.14 -25.22 -7.87
N GLY A 373 12.14 -25.24 -8.76
CA GLY A 373 11.41 -26.46 -9.17
C GLY A 373 10.14 -26.63 -8.31
N ARG A 374 9.57 -25.48 -7.92
CA ARG A 374 8.36 -25.33 -7.12
C ARG A 374 7.19 -25.24 -8.07
N VAL A 375 6.27 -26.16 -7.84
CA VAL A 375 5.07 -26.27 -8.63
C VAL A 375 3.85 -26.04 -7.75
N ASN A 376 2.85 -25.45 -8.40
CA ASN A 376 1.57 -25.13 -7.79
C ASN A 376 0.64 -26.31 -7.94
N VAL A 377 0.25 -26.94 -6.82
CA VAL A 377 -0.67 -28.05 -6.90
C VAL A 377 -1.96 -27.46 -7.42
N ALA A 378 -2.39 -26.43 -6.71
CA ALA A 378 -3.57 -25.65 -7.00
C ALA A 378 -3.77 -25.21 -8.44
N GLY A 379 -2.76 -25.27 -9.27
CA GLY A 379 -2.92 -24.84 -10.64
C GLY A 379 -3.05 -26.04 -11.51
N MET A 380 -3.29 -27.16 -10.85
CA MET A 380 -3.44 -28.43 -11.50
C MET A 380 -4.91 -28.87 -11.63
N THR A 381 -5.25 -29.42 -12.82
CA THR A 381 -6.61 -29.90 -13.09
C THR A 381 -6.61 -31.19 -13.86
N PRO A 382 -7.69 -31.93 -13.61
CA PRO A 382 -7.98 -33.20 -14.23
C PRO A 382 -7.77 -33.18 -15.72
N ASP A 383 -8.08 -32.03 -16.32
CA ASP A 383 -7.94 -31.89 -17.75
C ASP A 383 -6.51 -31.72 -18.21
N ASN A 384 -5.71 -31.00 -17.40
CA ASN A 384 -4.30 -30.76 -17.71
C ASN A 384 -3.36 -31.84 -17.19
N MET A 385 -3.78 -32.56 -16.13
CA MET A 385 -2.99 -33.63 -15.51
C MET A 385 -2.16 -34.47 -16.45
N ALA A 386 -2.78 -35.00 -17.48
CA ALA A 386 -2.04 -35.83 -18.40
C ALA A 386 -0.87 -35.12 -19.04
N PRO A 387 -1.18 -34.18 -19.92
CA PRO A 387 -0.17 -33.41 -20.63
C PRO A 387 0.98 -32.90 -19.72
N LEU A 388 0.70 -32.36 -18.53
CA LEU A 388 1.83 -31.95 -17.70
C LEU A 388 2.69 -33.17 -17.36
N CYS A 389 2.05 -34.19 -16.75
CA CYS A 389 2.71 -35.43 -16.35
C CYS A 389 3.48 -36.11 -17.45
N GLU A 390 3.26 -35.66 -18.65
CA GLU A 390 3.99 -36.23 -19.75
C GLU A 390 5.27 -35.47 -19.97
N ALA A 391 5.19 -34.16 -20.01
CA ALA A 391 6.41 -33.43 -20.20
C ALA A 391 7.36 -33.69 -19.04
N ILE A 392 6.90 -33.52 -17.78
CA ILE A 392 7.74 -33.75 -16.60
C ILE A 392 8.45 -35.07 -16.70
N VAL A 393 7.76 -36.02 -17.28
CA VAL A 393 8.30 -37.34 -17.46
C VAL A 393 9.36 -37.38 -18.57
N ALA A 394 9.16 -36.58 -19.59
CA ALA A 394 10.11 -36.61 -20.66
C ALA A 394 11.37 -35.79 -20.36
N VAL A 395 11.40 -35.09 -19.22
CA VAL A 395 12.60 -34.30 -18.91
C VAL A 395 13.40 -34.90 -17.74
N LEU A 396 12.90 -36.01 -17.19
CA LEU A 396 13.54 -36.69 -16.10
C LEU A 396 14.83 -37.40 -16.54
N MET B 1 12.38 -6.56 24.23
CA MET B 1 12.76 -5.71 23.13
C MET B 1 12.08 -4.37 23.09
N PHE B 2 10.77 -4.32 23.42
CA PHE B 2 10.04 -3.06 23.36
C PHE B 2 9.93 -2.31 24.66
N GLU B 3 10.69 -2.73 25.67
CA GLU B 3 10.63 -2.02 26.94
C GLU B 3 11.14 -0.59 26.82
N ASN B 4 11.98 -0.31 25.86
CA ASN B 4 12.55 1.03 25.79
C ASN B 4 11.86 1.95 24.82
N ILE B 5 11.24 1.36 23.79
CA ILE B 5 10.54 2.07 22.73
C ILE B 5 9.80 3.27 23.24
N THR B 6 9.93 4.31 22.48
CA THR B 6 9.33 5.56 22.85
C THR B 6 8.13 5.97 22.03
N ALA B 7 7.12 6.44 22.76
CA ALA B 7 5.91 6.92 22.15
C ALA B 7 6.20 8.03 21.12
N ALA B 8 5.75 7.80 19.87
CA ALA B 8 5.92 8.79 18.82
C ALA B 8 4.89 9.93 19.00
N PRO B 9 4.99 11.02 18.24
CA PRO B 9 4.02 12.09 18.42
C PRO B 9 3.09 12.01 17.22
N ALA B 10 1.78 12.05 17.48
CA ALA B 10 0.75 11.90 16.45
C ALA B 10 0.83 12.75 15.19
N ASP B 11 0.15 12.25 14.16
CA ASP B 11 0.09 12.99 12.93
C ASP B 11 -0.66 14.26 13.22
N PRO B 12 -0.01 15.39 12.99
CA PRO B 12 -0.62 16.69 13.24
C PRO B 12 -2.00 16.82 12.57
N ILE B 13 -2.15 16.28 11.36
CA ILE B 13 -3.42 16.31 10.65
C ILE B 13 -4.31 15.13 11.05
N LEU B 14 -3.95 13.98 10.53
CA LEU B 14 -4.67 12.75 10.81
C LEU B 14 -4.97 12.52 12.28
N GLY B 15 -4.12 13.04 13.15
CA GLY B 15 -4.29 12.85 14.59
C GLY B 15 -5.41 13.71 15.14
N LEU B 16 -5.68 14.77 14.41
CA LEU B 16 -6.74 15.69 14.77
C LEU B 16 -8.04 14.92 14.75
N ALA B 17 -8.15 14.07 13.73
CA ALA B 17 -9.32 13.23 13.51
C ALA B 17 -9.77 12.58 14.79
N ASP B 18 -8.84 11.80 15.34
CA ASP B 18 -9.03 11.08 16.58
C ASP B 18 -9.62 11.99 17.62
N LEU B 19 -8.99 13.16 17.74
CA LEU B 19 -9.40 14.19 18.68
C LEU B 19 -10.86 14.55 18.47
N PHE B 20 -11.16 14.87 17.22
CA PHE B 20 -12.49 15.24 16.82
C PHE B 20 -13.43 14.16 17.21
N ARG B 21 -13.17 13.00 16.62
CA ARG B 21 -14.00 11.84 16.85
C ARG B 21 -14.30 11.59 18.33
N ALA B 22 -13.50 12.20 19.23
CA ALA B 22 -13.69 11.98 20.65
C ALA B 22 -14.47 13.04 21.45
N ASP B 23 -14.55 14.31 21.00
CA ASP B 23 -15.36 15.18 21.83
C ASP B 23 -16.81 14.85 21.69
N GLU B 24 -17.46 14.88 22.84
CA GLU B 24 -18.85 14.60 22.94
C GLU B 24 -19.66 15.88 22.88
N ARG B 25 -19.05 16.97 22.44
CA ARG B 25 -19.84 18.19 22.33
C ARG B 25 -20.74 18.13 21.09
N PRO B 26 -21.85 18.85 21.14
CA PRO B 26 -22.87 18.86 20.11
C PRO B 26 -22.51 19.54 18.79
N GLY B 27 -22.30 20.85 18.85
CA GLY B 27 -22.02 21.66 17.66
C GLY B 27 -20.63 21.57 17.03
N LYS B 28 -19.82 20.62 17.46
CA LYS B 28 -18.48 20.46 16.95
C LYS B 28 -18.36 20.49 15.44
N ILE B 29 -17.58 21.46 14.96
CA ILE B 29 -17.30 21.63 13.54
C ILE B 29 -15.95 20.99 13.26
N ASN B 30 -15.66 20.53 12.06
CA ASN B 30 -14.36 19.91 11.81
C ASN B 30 -13.70 20.42 10.55
N LEU B 31 -12.94 21.51 10.69
CA LEU B 31 -12.25 22.12 9.55
C LEU B 31 -10.80 21.60 9.45
N GLY B 32 -10.58 20.39 9.97
CA GLY B 32 -9.29 19.71 10.02
C GLY B 32 -8.75 19.25 8.69
N ILE B 33 -8.76 17.93 8.50
CA ILE B 33 -8.30 17.19 7.32
C ILE B 33 -9.08 17.61 6.08
N GLY B 34 -8.41 17.52 4.92
CA GLY B 34 -8.99 17.89 3.64
C GLY B 34 -9.93 16.85 3.06
N LEU B 35 -11.17 17.02 3.43
CA LEU B 35 -12.26 16.18 3.03
C LEU B 35 -13.29 17.07 2.35
N TYR B 36 -13.77 16.64 1.19
CA TYR B 36 -14.77 17.45 0.55
C TYR B 36 -16.12 17.13 1.14
N TYR B 37 -16.84 18.15 1.60
CA TYR B 37 -18.18 17.94 2.10
C TYR B 37 -19.24 18.55 1.14
N ASP B 38 -20.50 18.12 1.30
CA ASP B 38 -21.59 18.67 0.51
C ASP B 38 -22.45 19.58 1.38
N GLU B 39 -23.42 20.22 0.75
CA GLU B 39 -24.33 21.14 1.41
C GLU B 39 -24.87 20.60 2.73
N THR B 40 -25.32 19.38 2.70
CA THR B 40 -25.91 18.79 3.87
C THR B 40 -24.94 18.22 4.87
N GLY B 41 -23.73 18.74 4.92
CA GLY B 41 -22.76 18.25 5.89
C GLY B 41 -22.24 16.81 5.79
N LYS B 42 -22.14 16.19 4.60
CA LYS B 42 -21.62 14.82 4.52
C LYS B 42 -20.62 14.53 3.39
N ILE B 43 -19.92 13.41 3.56
CA ILE B 43 -18.87 12.94 2.68
C ILE B 43 -19.34 11.88 1.75
N PRO B 44 -20.08 12.30 0.76
CA PRO B 44 -20.66 11.40 -0.19
C PRO B 44 -19.66 10.65 -1.03
N VAL B 45 -20.22 9.63 -1.64
CA VAL B 45 -19.54 8.81 -2.58
C VAL B 45 -20.11 9.32 -3.89
N LEU B 46 -19.28 9.80 -4.79
CA LEU B 46 -19.78 10.30 -6.03
C LEU B 46 -20.71 9.31 -6.77
N THR B 47 -21.57 9.79 -7.68
CA THR B 47 -22.44 8.85 -8.39
C THR B 47 -21.71 8.05 -9.43
N SER B 48 -20.80 8.70 -10.20
CA SER B 48 -20.04 8.05 -11.29
C SER B 48 -19.26 6.88 -10.76
N VAL B 49 -18.88 6.97 -9.46
CA VAL B 49 -18.17 5.86 -8.80
C VAL B 49 -19.11 4.67 -8.44
N LYS B 50 -20.28 4.93 -7.78
CA LYS B 50 -21.23 3.82 -7.50
C LYS B 50 -21.57 3.15 -8.86
N LYS B 51 -21.75 3.94 -9.88
CA LYS B 51 -22.01 3.34 -11.18
C LYS B 51 -20.85 2.49 -11.62
N ALA B 52 -19.62 2.93 -11.34
CA ALA B 52 -18.40 2.20 -11.69
C ALA B 52 -18.32 0.89 -10.92
N GLU B 53 -18.56 0.98 -9.61
CA GLU B 53 -18.57 -0.14 -8.67
C GLU B 53 -19.61 -1.22 -8.99
N GLN B 54 -20.75 -0.81 -9.53
CA GLN B 54 -21.78 -1.76 -9.91
C GLN B 54 -21.32 -2.52 -11.12
N TYR B 55 -20.68 -1.79 -12.00
CA TYR B 55 -20.17 -2.38 -13.19
C TYR B 55 -19.21 -3.50 -12.85
N LEU B 56 -18.35 -3.19 -11.88
CA LEU B 56 -17.34 -4.09 -11.42
C LEU B 56 -17.98 -5.32 -10.83
N LEU B 57 -18.89 -5.09 -9.91
CA LEU B 57 -19.65 -6.12 -9.24
C LEU B 57 -20.15 -7.21 -10.20
N GLU B 58 -20.92 -6.79 -11.21
CA GLU B 58 -21.46 -7.72 -12.20
C GLU B 58 -20.48 -8.13 -13.26
N ASN B 59 -19.33 -7.51 -13.31
CA ASN B 59 -18.44 -7.86 -14.37
C ASN B 59 -17.15 -8.57 -14.03
N GLU B 60 -16.67 -8.41 -12.79
CA GLU B 60 -15.44 -9.02 -12.34
C GLU B 60 -15.56 -10.53 -12.16
N THR B 61 -14.70 -11.25 -12.89
CA THR B 61 -14.56 -12.69 -12.85
C THR B 61 -13.33 -13.19 -12.03
N THR B 62 -12.49 -12.27 -11.50
CA THR B 62 -11.31 -12.72 -10.77
C THR B 62 -10.65 -11.63 -9.96
N LYS B 63 -9.88 -12.02 -8.96
CA LYS B 63 -9.17 -11.05 -8.17
C LYS B 63 -7.64 -11.14 -8.31
N LEU B 64 -7.27 -11.83 -9.41
CA LEU B 64 -5.92 -12.09 -9.93
C LEU B 64 -4.96 -11.00 -9.52
N TYR B 65 -3.71 -11.37 -9.25
CA TYR B 65 -2.70 -10.38 -8.84
C TYR B 65 -2.56 -9.36 -9.97
N LEU B 66 -2.42 -8.08 -9.66
CA LEU B 66 -2.20 -7.13 -10.74
C LEU B 66 -0.66 -7.13 -10.97
N GLY B 67 -0.19 -6.55 -12.08
CA GLY B 67 1.25 -6.42 -12.29
C GLY B 67 1.85 -5.51 -11.20
N ILE B 68 3.17 -5.39 -11.11
CA ILE B 68 3.72 -4.54 -10.07
C ILE B 68 3.36 -3.09 -10.34
N ASP B 69 3.11 -2.85 -11.61
CA ASP B 69 2.80 -1.52 -12.06
C ASP B 69 1.32 -1.16 -12.17
N GLY B 70 0.45 -2.10 -11.75
CA GLY B 70 -0.99 -1.90 -11.79
C GLY B 70 -1.60 -2.08 -13.21
N ILE B 71 -2.86 -1.62 -13.32
CA ILE B 71 -3.67 -1.69 -14.52
C ILE B 71 -3.16 -0.73 -15.57
N PRO B 72 -2.69 -1.31 -16.65
CA PRO B 72 -2.11 -0.55 -17.72
C PRO B 72 -2.95 0.63 -18.15
N GLU B 73 -4.21 0.33 -18.42
CA GLU B 73 -5.14 1.34 -18.89
C GLU B 73 -5.30 2.52 -17.95
N PHE B 74 -5.14 2.26 -16.66
CA PHE B 74 -5.22 3.31 -15.65
C PHE B 74 -4.01 4.22 -15.77
N GLY B 75 -2.99 3.66 -16.39
CA GLY B 75 -1.75 4.38 -16.56
C GLY B 75 -1.81 5.31 -17.74
N ARG B 76 -2.30 4.77 -18.84
CA ARG B 76 -2.50 5.48 -20.07
C ARG B 76 -3.31 6.68 -19.68
N CYS B 77 -4.36 6.41 -18.95
CA CYS B 77 -5.27 7.48 -18.50
C CYS B 77 -4.62 8.54 -17.65
N THR B 78 -3.83 8.15 -16.66
CA THR B 78 -3.19 9.12 -15.83
C THR B 78 -2.31 10.01 -16.68
N GLN B 79 -1.60 9.38 -17.63
CA GLN B 79 -0.72 10.12 -18.51
C GLN B 79 -1.45 11.17 -19.29
N GLU B 80 -2.46 10.77 -20.06
CA GLU B 80 -3.23 11.71 -20.84
C GLU B 80 -3.75 12.86 -20.01
N LEU B 81 -4.16 12.51 -18.82
CA LEU B 81 -4.70 13.47 -17.90
C LEU B 81 -3.63 14.42 -17.39
N LEU B 82 -2.38 13.93 -17.42
CA LEU B 82 -1.21 14.63 -16.93
C LEU B 82 -0.56 15.56 -17.98
N PHE B 83 -0.23 14.97 -19.10
CA PHE B 83 0.48 15.63 -20.16
C PHE B 83 -0.39 16.23 -21.26
N GLY B 84 -1.46 15.54 -21.67
CA GLY B 84 -2.33 16.07 -22.71
C GLY B 84 -2.73 15.03 -23.74
N LYS B 85 -3.56 15.44 -24.70
CA LYS B 85 -4.04 14.54 -25.72
C LYS B 85 -2.95 13.71 -26.38
N GLY B 86 -2.20 14.30 -27.30
CA GLY B 86 -1.16 13.54 -27.98
C GLY B 86 0.26 14.03 -27.75
N SER B 87 0.58 14.45 -26.51
CA SER B 87 1.89 14.92 -26.09
C SER B 87 3.02 14.06 -26.67
N ALA B 88 4.22 14.62 -26.79
CA ALA B 88 5.34 13.85 -27.33
C ALA B 88 5.92 12.91 -26.29
N LEU B 89 5.58 13.23 -25.03
CA LEU B 89 5.99 12.44 -23.89
C LEU B 89 5.38 11.07 -24.08
N ILE B 90 4.15 11.10 -24.59
CA ILE B 90 3.43 9.88 -24.85
C ILE B 90 3.80 9.35 -26.21
N ASN B 91 3.93 10.26 -27.16
CA ASN B 91 4.27 9.82 -28.48
C ASN B 91 5.67 9.29 -28.52
N ASP B 92 6.48 9.77 -27.60
CA ASP B 92 7.83 9.29 -27.62
C ASP B 92 8.06 8.10 -26.75
N LYS B 93 7.05 7.83 -25.91
CA LYS B 93 7.14 6.71 -25.02
C LYS B 93 8.18 6.98 -23.96
N ARG B 94 8.21 8.25 -23.57
CA ARG B 94 9.14 8.78 -22.58
C ARG B 94 8.72 8.64 -21.14
N ALA B 95 7.49 8.21 -20.90
CA ALA B 95 6.92 8.08 -19.54
C ALA B 95 6.46 6.68 -19.23
N ARG B 96 6.66 6.25 -18.00
CA ARG B 96 6.25 4.95 -17.55
C ARG B 96 5.48 5.21 -16.28
N THR B 97 4.29 4.61 -16.09
CA THR B 97 3.53 4.93 -14.88
C THR B 97 3.20 3.75 -14.01
N ALA B 98 3.20 4.02 -12.71
CA ALA B 98 2.89 2.99 -11.78
C ALA B 98 1.81 3.39 -10.78
N GLN B 99 0.76 2.57 -10.76
CA GLN B 99 -0.41 2.71 -9.88
C GLN B 99 0.07 2.40 -8.46
N THR B 100 -0.19 3.30 -7.52
CA THR B 100 0.33 3.07 -6.18
C THR B 100 -0.71 3.35 -5.11
N PRO B 101 -0.40 2.98 -3.89
CA PRO B 101 -1.33 3.23 -2.79
C PRO B 101 -1.49 4.66 -2.41
N GLY B 102 -2.12 5.47 -3.25
CA GLY B 102 -2.31 6.87 -2.89
C GLY B 102 -1.18 7.76 -3.37
N GLY B 103 -1.28 9.04 -3.15
CA GLY B 103 -0.22 9.91 -3.60
C GLY B 103 0.85 9.91 -2.54
N SER B 104 0.51 9.41 -1.36
CA SER B 104 1.43 9.29 -0.28
C SER B 104 2.35 8.11 -0.52
N GLY B 105 1.95 7.21 -1.41
CA GLY B 105 2.72 6.02 -1.66
C GLY B 105 3.53 6.13 -2.94
N ALA B 106 3.18 7.13 -3.73
CA ALA B 106 3.87 7.42 -4.95
C ALA B 106 5.11 8.23 -4.57
N LEU B 107 5.02 8.89 -3.41
CA LEU B 107 6.10 9.70 -2.85
C LEU B 107 7.14 8.71 -2.36
N ARG B 108 6.76 8.01 -1.30
CA ARG B 108 7.56 6.96 -0.70
C ARG B 108 8.17 6.08 -1.76
N VAL B 109 7.46 5.77 -2.82
CA VAL B 109 8.09 4.94 -3.88
C VAL B 109 9.18 5.73 -4.56
N ALA B 110 8.87 6.94 -4.97
CA ALA B 110 9.83 7.84 -5.59
C ALA B 110 11.12 7.93 -4.79
N ALA B 111 10.99 8.31 -3.54
CA ALA B 111 12.13 8.47 -2.66
C ALA B 111 12.89 7.23 -2.27
N ASP B 112 12.45 6.05 -2.66
CA ASP B 112 13.20 4.85 -2.33
C ASP B 112 13.91 4.55 -3.63
N PHE B 113 13.37 5.11 -4.69
CA PHE B 113 13.95 4.85 -5.97
C PHE B 113 15.16 5.71 -6.18
N LEU B 114 14.99 6.97 -5.80
CA LEU B 114 15.97 8.05 -5.89
C LEU B 114 17.24 7.73 -5.09
N ALA B 115 17.02 7.35 -3.85
CA ALA B 115 18.07 7.04 -2.92
C ALA B 115 18.76 5.75 -3.25
N LYS B 116 18.09 4.87 -3.92
CA LYS B 116 18.77 3.63 -4.13
C LYS B 116 19.47 3.58 -5.46
N ASN B 117 18.93 4.33 -6.38
CA ASN B 117 19.40 4.33 -7.72
C ASN B 117 20.00 5.61 -8.18
N THR B 118 19.97 6.61 -7.31
CA THR B 118 20.55 7.87 -7.68
C THR B 118 21.52 8.34 -6.63
N SER B 119 22.09 9.52 -6.92
CA SER B 119 23.04 10.16 -6.09
C SER B 119 22.33 11.26 -5.36
N VAL B 120 21.03 11.14 -5.24
CA VAL B 120 20.34 12.20 -4.58
C VAL B 120 20.54 12.19 -3.09
N LYS B 121 20.89 13.35 -2.58
CA LYS B 121 21.11 13.45 -1.15
C LYS B 121 20.11 14.41 -0.56
N ARG B 122 19.65 15.33 -1.39
CA ARG B 122 18.69 16.25 -0.86
C ARG B 122 17.50 16.68 -1.68
N VAL B 123 16.43 16.91 -0.90
CA VAL B 123 15.15 17.38 -1.37
C VAL B 123 14.72 18.64 -0.62
N TRP B 124 14.42 19.63 -1.45
CA TRP B 124 13.97 20.95 -1.07
C TRP B 124 12.45 21.00 -1.11
N VAL B 125 11.88 21.38 0.00
CA VAL B 125 10.44 21.49 0.06
C VAL B 125 10.05 22.83 0.60
N SER B 126 9.06 23.40 -0.05
CA SER B 126 8.53 24.69 0.31
C SER B 126 8.17 24.78 1.76
N ASN B 127 8.10 26.03 2.13
CA ASN B 127 7.70 26.50 3.40
C ASN B 127 6.66 27.56 3.13
N PRO B 128 5.45 27.27 3.63
CA PRO B 128 5.25 26.03 4.38
C PRO B 128 4.94 24.87 3.48
N SER B 129 4.77 23.70 4.09
CA SER B 129 4.45 22.48 3.32
C SER B 129 3.61 21.42 4.06
N TRP B 130 3.17 20.43 3.29
CA TRP B 130 2.42 19.33 3.85
C TRP B 130 3.38 18.51 4.73
N PRO B 131 3.18 18.60 6.05
CA PRO B 131 4.01 17.96 7.05
C PRO B 131 4.51 16.56 6.82
N ASN B 132 3.95 15.85 5.88
CA ASN B 132 4.36 14.49 5.67
C ASN B 132 5.42 14.40 4.63
N HIS B 133 5.60 15.49 3.95
CA HIS B 133 6.57 15.51 2.90
C HIS B 133 7.95 15.12 3.46
N LYS B 134 8.27 15.75 4.59
CA LYS B 134 9.54 15.53 5.26
C LYS B 134 9.78 14.11 5.77
N SER B 135 8.80 13.60 6.53
CA SER B 135 8.84 12.26 7.08
C SER B 135 8.96 11.24 5.96
N VAL B 136 8.25 11.48 4.87
CA VAL B 136 8.38 10.53 3.78
C VAL B 136 9.83 10.48 3.36
N PHE B 137 10.37 11.61 2.87
CA PHE B 137 11.73 11.76 2.42
C PHE B 137 12.76 11.30 3.46
N ASN B 138 12.58 11.74 4.69
CA ASN B 138 13.50 11.35 5.75
C ASN B 138 13.62 9.84 5.87
N SER B 139 12.49 9.19 5.70
CA SER B 139 12.46 7.77 5.83
C SER B 139 13.28 7.07 4.78
N ALA B 140 13.50 7.69 3.65
CA ALA B 140 14.29 6.99 2.66
C ALA B 140 15.78 7.35 2.81
N GLY B 141 16.08 8.12 3.87
CA GLY B 141 17.44 8.55 4.16
C GLY B 141 17.72 9.98 3.71
N LEU B 142 17.00 10.46 2.70
CA LEU B 142 17.13 11.79 2.17
C LEU B 142 17.08 12.94 3.18
N GLU B 143 17.71 14.06 2.81
CA GLU B 143 17.73 15.24 3.66
C GLU B 143 16.76 16.23 3.08
N VAL B 144 16.01 16.86 3.95
CA VAL B 144 15.01 17.78 3.52
C VAL B 144 15.33 19.19 3.98
N ARG B 145 15.44 20.07 2.98
CA ARG B 145 15.72 21.47 3.19
C ARG B 145 14.58 22.32 2.60
N GLU B 146 14.32 23.45 3.23
CA GLU B 146 13.23 24.31 2.86
C GLU B 146 13.52 25.61 2.16
N TYR B 147 12.72 25.85 1.14
CA TYR B 147 12.79 27.05 0.38
C TYR B 147 11.68 28.00 0.73
N ALA B 148 11.92 29.28 0.53
CA ALA B 148 10.92 30.32 0.84
C ALA B 148 9.79 30.37 -0.19
N TYR B 149 8.60 30.75 0.29
CA TYR B 149 7.48 30.74 -0.64
C TYR B 149 6.40 31.78 -0.38
N TYR B 150 5.92 31.68 0.81
CA TYR B 150 4.81 32.44 1.27
C TYR B 150 5.03 33.77 1.94
N ASP B 151 4.57 34.82 1.25
CA ASP B 151 4.68 36.17 1.80
C ASP B 151 3.57 36.37 2.81
N ALA B 152 3.92 36.27 4.06
CA ALA B 152 2.96 36.43 5.12
C ALA B 152 2.27 37.80 5.00
N GLU B 153 3.08 38.81 5.24
CA GLU B 153 2.64 40.19 5.23
C GLU B 153 1.79 40.59 4.08
N ASN B 154 1.62 39.78 3.15
CA ASN B 154 0.82 40.19 2.02
C ASN B 154 0.10 39.07 1.32
N HIS B 155 0.18 37.87 1.93
CA HIS B 155 -0.50 36.57 1.45
C HIS B 155 -0.31 36.26 -0.11
N THR B 156 0.97 35.92 -0.46
CA THR B 156 1.46 35.53 -1.87
C THR B 156 2.69 34.77 -1.84
N LEU B 157 3.02 34.60 -3.03
CA LEU B 157 4.17 33.99 -3.49
C LEU B 157 5.17 35.09 -3.63
N ASP B 158 6.14 35.00 -2.73
CA ASP B 158 7.29 35.85 -2.70
C ASP B 158 8.27 35.26 -3.71
N PHE B 159 8.05 35.52 -5.01
CA PHE B 159 8.91 34.96 -6.04
C PHE B 159 10.40 35.10 -5.77
N ASP B 160 10.87 36.33 -5.68
CA ASP B 160 12.30 36.52 -5.47
C ASP B 160 12.84 35.85 -4.24
N ALA B 161 12.07 35.85 -3.14
CA ALA B 161 12.57 35.14 -1.98
C ALA B 161 12.61 33.64 -2.26
N LEU B 162 11.71 33.20 -3.15
CA LEU B 162 11.67 31.82 -3.52
C LEU B 162 12.91 31.53 -4.32
N ILE B 163 13.08 32.30 -5.40
CA ILE B 163 14.22 32.19 -6.30
C ILE B 163 15.57 32.27 -5.58
N ASN B 164 15.70 33.23 -4.69
CA ASN B 164 16.93 33.40 -3.94
C ASN B 164 17.27 32.20 -3.07
N SER B 165 16.25 31.53 -2.58
CA SER B 165 16.40 30.34 -1.75
C SER B 165 16.99 29.22 -2.52
N LEU B 166 16.34 28.95 -3.64
CA LEU B 166 16.74 27.88 -4.51
C LEU B 166 18.03 28.15 -5.22
N ASN B 167 18.63 29.28 -4.94
CA ASN B 167 19.90 29.52 -5.60
C ASN B 167 20.99 28.82 -4.80
N GLU B 168 20.54 28.16 -3.75
CA GLU B 168 21.41 27.43 -2.85
C GLU B 168 21.34 25.95 -3.08
N ALA B 169 20.61 25.57 -4.10
CA ALA B 169 20.47 24.17 -4.36
C ALA B 169 21.43 23.71 -5.43
N GLN B 170 22.15 22.66 -5.13
CA GLN B 170 23.09 22.17 -6.09
C GLN B 170 22.41 21.45 -7.22
N ALA B 171 23.11 21.33 -8.32
CA ALA B 171 22.56 20.59 -9.41
C ALA B 171 22.48 19.19 -8.85
N GLY B 172 21.57 18.39 -9.37
CA GLY B 172 21.45 17.05 -8.85
C GLY B 172 20.57 17.06 -7.61
N ASP B 173 20.13 18.25 -7.22
CA ASP B 173 19.25 18.31 -6.08
C ASP B 173 17.83 18.02 -6.56
N VAL B 174 16.94 17.70 -5.64
CA VAL B 174 15.58 17.44 -6.07
C VAL B 174 14.70 18.58 -5.63
N VAL B 175 14.00 19.23 -6.55
CA VAL B 175 13.13 20.28 -6.08
C VAL B 175 11.67 19.92 -6.15
N LEU B 176 11.01 20.09 -5.02
CA LEU B 176 9.62 19.71 -4.88
C LEU B 176 8.58 20.81 -5.00
N PHE B 177 7.79 20.66 -6.07
CA PHE B 177 6.70 21.55 -6.46
C PHE B 177 5.27 20.94 -6.35
N HIS B 178 4.34 21.72 -5.76
CA HIS B 178 2.93 21.34 -5.72
C HIS B 178 2.33 21.80 -7.04
N GLY B 179 1.76 20.89 -7.87
CA GLY B 179 1.18 21.19 -9.18
C GLY B 179 0.19 22.36 -9.21
N CYS B 180 -0.69 22.44 -8.22
CA CYS B 180 -1.70 23.48 -8.14
C CYS B 180 -2.33 23.41 -6.80
N CYS B 181 -2.96 24.48 -6.35
CA CYS B 181 -3.59 24.50 -5.05
C CYS B 181 -2.58 24.12 -4.02
N HIS B 182 -1.71 25.05 -3.70
CA HIS B 182 -0.69 24.78 -2.72
C HIS B 182 -1.31 24.48 -1.36
N ASN B 183 -0.81 23.44 -0.74
CA ASN B 183 -1.21 23.04 0.58
C ASN B 183 -0.01 23.39 1.44
N PRO B 184 -0.20 24.21 2.45
CA PRO B 184 -1.50 24.70 2.90
C PRO B 184 -1.78 26.17 2.67
N THR B 185 -1.15 26.80 1.70
CA THR B 185 -1.42 28.21 1.52
C THR B 185 -2.57 28.46 0.55
N GLY B 186 -2.51 27.81 -0.61
CA GLY B 186 -3.54 27.98 -1.61
C GLY B 186 -3.08 28.93 -2.70
N ILE B 187 -1.85 29.44 -2.57
CA ILE B 187 -1.28 30.34 -3.57
C ILE B 187 -0.46 29.52 -4.57
N ASP B 188 -0.57 29.83 -5.87
CA ASP B 188 0.18 29.13 -6.88
C ASP B 188 0.78 30.11 -7.88
N PRO B 189 1.95 29.77 -8.43
CA PRO B 189 2.62 30.64 -9.40
C PRO B 189 1.93 30.70 -10.75
N THR B 190 1.85 31.90 -11.33
CA THR B 190 1.29 32.15 -12.64
C THR B 190 1.88 31.20 -13.72
N LEU B 191 1.41 31.30 -14.97
CA LEU B 191 1.97 30.46 -16.02
C LEU B 191 3.37 30.95 -16.43
N GLU B 192 3.61 32.23 -16.16
CA GLU B 192 4.90 32.85 -16.45
C GLU B 192 5.92 32.43 -15.40
N GLN B 193 5.48 32.47 -14.12
CA GLN B 193 6.36 32.04 -13.04
C GLN B 193 6.70 30.55 -13.15
N TRP B 194 5.87 29.79 -13.88
CA TRP B 194 6.12 28.39 -14.07
C TRP B 194 7.08 28.24 -15.23
N GLN B 195 6.93 29.16 -16.17
CA GLN B 195 7.78 29.18 -17.33
C GLN B 195 9.18 29.57 -16.92
N THR B 196 9.25 30.40 -15.86
CA THR B 196 10.48 30.89 -15.24
C THR B 196 11.27 29.76 -14.58
N LEU B 197 10.72 29.27 -13.45
CA LEU B 197 11.28 28.16 -12.72
C LEU B 197 11.61 27.05 -13.69
N ALA B 198 10.78 26.89 -14.70
CA ALA B 198 11.02 25.90 -15.71
C ALA B 198 12.38 26.09 -16.38
N GLN B 199 12.67 27.31 -16.85
CA GLN B 199 13.94 27.59 -17.51
C GLN B 199 15.08 27.47 -16.51
N LEU B 200 14.89 28.13 -15.39
CA LEU B 200 15.84 28.13 -14.29
C LEU B 200 16.34 26.73 -14.00
N SER B 201 15.51 26.01 -13.26
CA SER B 201 15.73 24.63 -12.86
C SER B 201 16.40 23.75 -13.93
N VAL B 202 16.31 24.13 -15.21
CA VAL B 202 16.93 23.36 -16.29
C VAL B 202 18.42 23.71 -16.34
N GLU B 203 18.68 25.01 -16.18
CA GLU B 203 20.00 25.57 -16.16
C GLU B 203 20.72 25.23 -14.86
N LYS B 204 19.99 25.31 -13.76
CA LYS B 204 20.53 25.01 -12.44
C LYS B 204 20.85 23.53 -12.20
N GLY B 205 20.26 22.65 -13.01
CA GLY B 205 20.51 21.22 -12.89
C GLY B 205 19.73 20.48 -11.82
N TRP B 206 18.51 20.96 -11.50
CA TRP B 206 17.62 20.31 -10.51
C TRP B 206 16.74 19.20 -11.10
N LEU B 207 16.34 18.25 -10.22
CA LEU B 207 15.41 17.15 -10.57
C LEU B 207 14.04 17.58 -10.05
N PRO B 208 13.08 17.82 -10.94
CA PRO B 208 11.82 18.30 -10.42
C PRO B 208 10.86 17.15 -10.21
N LEU B 209 10.31 17.11 -9.01
CA LEU B 209 9.35 16.14 -8.49
C LEU B 209 8.08 16.89 -8.19
N PHE B 210 7.04 16.61 -8.94
CA PHE B 210 5.76 17.27 -8.73
C PHE B 210 4.74 16.48 -7.90
N ASP B 211 4.29 17.04 -6.77
CA ASP B 211 3.22 16.47 -5.94
C ASP B 211 1.87 17.02 -6.47
N PHE B 212 1.12 16.25 -7.32
CA PHE B 212 -0.17 16.63 -7.96
C PHE B 212 -1.43 15.92 -7.37
N ALA B 213 -1.88 16.35 -6.22
CA ALA B 213 -3.01 15.71 -5.60
C ALA B 213 -4.27 16.51 -5.71
N TYR B 214 -4.44 17.31 -6.75
CA TYR B 214 -5.64 18.10 -6.85
C TYR B 214 -5.95 18.56 -8.28
N GLN B 215 -5.56 17.78 -9.32
CA GLN B 215 -5.91 18.19 -10.68
C GLN B 215 -7.43 18.36 -10.72
N GLY B 216 -7.88 19.58 -11.02
CA GLY B 216 -9.32 19.86 -11.11
C GLY B 216 -9.91 20.84 -10.10
N PHE B 217 -9.26 21.13 -9.01
CA PHE B 217 -9.90 22.04 -8.09
C PHE B 217 -9.42 23.46 -8.14
N ALA B 218 -8.55 23.79 -9.10
CA ALA B 218 -8.07 25.16 -9.18
C ALA B 218 -8.84 25.95 -10.22
N ARG B 219 -8.71 25.52 -11.45
CA ARG B 219 -9.40 26.12 -12.55
C ARG B 219 -10.08 25.01 -13.33
N GLY B 220 -9.54 23.81 -13.23
CA GLY B 220 -10.08 22.68 -13.93
C GLY B 220 -8.99 21.71 -14.31
N LEU B 221 -9.39 20.67 -15.02
CA LEU B 221 -8.46 19.66 -15.45
C LEU B 221 -7.37 20.32 -16.30
N GLU B 222 -7.37 20.09 -17.63
CA GLU B 222 -6.40 20.66 -18.56
C GLU B 222 -5.65 21.95 -18.19
N GLU B 223 -6.22 22.84 -17.36
CA GLU B 223 -5.54 24.08 -17.04
C GLU B 223 -4.77 24.10 -15.74
N ASP B 224 -4.91 23.04 -14.97
CA ASP B 224 -4.21 22.94 -13.71
C ASP B 224 -2.93 22.16 -13.90
N ALA B 225 -2.70 21.71 -15.12
CA ALA B 225 -1.53 20.95 -15.49
C ALA B 225 -0.53 21.81 -16.26
N GLU B 226 -0.81 23.11 -16.35
CA GLU B 226 0.06 24.02 -17.08
C GLU B 226 1.51 24.04 -16.64
N GLY B 227 1.72 24.36 -15.35
CA GLY B 227 3.04 24.40 -14.76
C GLY B 227 3.78 23.14 -15.16
N LEU B 228 3.22 22.03 -14.72
CA LEU B 228 3.71 20.71 -15.02
C LEU B 228 4.02 20.54 -16.50
N ARG B 229 3.13 21.08 -17.33
CA ARG B 229 3.21 20.97 -18.77
C ARG B 229 4.28 21.84 -19.37
N ALA B 230 4.61 22.88 -18.63
CA ALA B 230 5.67 23.77 -19.05
C ALA B 230 6.98 23.05 -18.75
N PHE B 231 7.05 22.50 -17.52
CA PHE B 231 8.22 21.74 -17.12
C PHE B 231 8.55 20.64 -18.14
N ALA B 232 7.60 19.76 -18.41
CA ALA B 232 7.77 18.67 -19.34
C ALA B 232 8.40 19.08 -20.66
N ALA B 233 7.95 20.21 -21.18
CA ALA B 233 8.46 20.70 -22.45
C ALA B 233 9.98 20.84 -22.41
N MET B 234 10.44 21.43 -21.31
CA MET B 234 11.85 21.66 -21.08
C MET B 234 12.66 20.42 -20.71
N HIS B 235 12.37 19.84 -19.55
CA HIS B 235 13.07 18.69 -18.99
C HIS B 235 13.12 17.43 -19.81
N LYS B 236 14.21 16.68 -19.57
CA LYS B 236 14.42 15.41 -20.21
C LYS B 236 13.96 14.42 -19.17
N GLU B 237 14.05 14.85 -17.93
CA GLU B 237 13.67 13.98 -16.85
C GLU B 237 12.84 14.66 -15.77
N LEU B 238 11.92 13.89 -15.20
CA LEU B 238 11.09 14.32 -14.11
C LEU B 238 10.25 13.21 -13.55
N ILE B 239 9.68 13.51 -12.39
CA ILE B 239 8.84 12.63 -11.61
C ILE B 239 7.61 13.38 -11.05
N VAL B 240 6.46 12.67 -11.14
CA VAL B 240 5.17 13.15 -10.67
C VAL B 240 4.48 12.15 -9.75
N ALA B 241 4.12 12.60 -8.55
CA ALA B 241 3.41 11.76 -7.57
C ALA B 241 1.95 12.19 -7.52
N SER B 242 1.11 11.54 -8.32
CA SER B 242 -0.29 11.91 -8.39
C SER B 242 -1.34 11.11 -7.57
N SER B 243 -2.35 11.86 -7.12
CA SER B 243 -3.46 11.38 -6.31
C SER B 243 -4.85 11.60 -6.95
N TYR B 244 -5.74 10.61 -6.78
CA TYR B 244 -7.12 10.64 -7.25
C TYR B 244 -8.08 10.48 -6.04
N SER B 245 -7.68 10.98 -4.89
CA SER B 245 -8.44 10.83 -3.67
C SER B 245 -9.34 12.00 -3.42
N LYS B 246 -9.09 13.03 -4.17
CA LYS B 246 -9.84 14.23 -3.93
C LYS B 246 -10.77 14.58 -5.07
N ASN B 247 -10.35 14.24 -6.28
CA ASN B 247 -11.11 14.53 -7.44
C ASN B 247 -12.04 13.40 -7.89
N PHE B 248 -11.99 12.30 -7.14
CA PHE B 248 -12.81 11.13 -7.38
C PHE B 248 -13.43 10.64 -6.10
N GLY B 249 -13.23 11.40 -5.02
CA GLY B 249 -13.75 11.11 -3.70
C GLY B 249 -13.30 9.76 -3.11
N LEU B 250 -12.37 9.09 -3.79
CA LEU B 250 -11.88 7.80 -3.38
C LEU B 250 -10.84 7.79 -2.25
N TYR B 251 -11.00 8.66 -1.23
CA TYR B 251 -10.06 8.75 -0.12
C TYR B 251 -9.52 7.49 0.48
N ASN B 252 -10.38 6.58 0.95
CA ASN B 252 -9.90 5.38 1.66
C ASN B 252 -9.55 4.14 0.85
N GLU B 253 -9.50 4.28 -0.46
CA GLU B 253 -9.22 3.17 -1.33
C GLU B 253 -7.79 3.23 -1.82
N ARG B 254 -7.22 4.42 -1.64
CA ARG B 254 -5.83 4.70 -2.00
C ARG B 254 -5.56 4.64 -3.44
N VAL B 255 -5.80 5.71 -4.21
CA VAL B 255 -5.50 5.65 -5.66
C VAL B 255 -4.54 6.74 -6.06
N GLY B 256 -3.41 6.35 -6.68
CA GLY B 256 -2.47 7.36 -7.09
C GLY B 256 -1.53 6.78 -8.09
N ALA B 257 -0.66 7.63 -8.57
CA ALA B 257 0.31 7.17 -9.55
C ALA B 257 1.66 7.85 -9.43
N CYS B 258 2.67 7.10 -9.85
CA CYS B 258 4.01 7.56 -9.87
C CYS B 258 4.43 7.54 -11.27
N THR B 259 4.56 8.73 -11.80
CA THR B 259 5.03 8.85 -13.17
C THR B 259 6.50 9.29 -13.20
N LEU B 260 7.28 8.62 -14.05
CA LEU B 260 8.71 8.78 -14.29
C LEU B 260 8.99 9.17 -15.71
N VAL B 261 9.72 10.26 -15.95
CA VAL B 261 10.02 10.61 -17.35
C VAL B 261 11.52 10.79 -17.60
N ALA B 262 12.06 10.07 -18.59
CA ALA B 262 13.47 10.09 -18.97
C ALA B 262 13.70 10.67 -20.34
N ALA B 263 14.93 10.69 -20.81
CA ALA B 263 15.15 11.29 -22.12
C ALA B 263 14.55 10.53 -23.27
N ASP B 264 14.45 9.24 -23.06
CA ASP B 264 13.92 8.40 -24.07
C ASP B 264 13.40 7.10 -23.51
N SER B 265 12.96 6.24 -24.39
CA SER B 265 12.38 5.00 -23.96
C SER B 265 13.36 3.99 -23.43
N GLU B 266 14.52 3.90 -24.06
CA GLU B 266 15.48 2.92 -23.60
C GLU B 266 15.83 3.25 -22.16
N THR B 267 16.00 4.53 -21.92
CA THR B 267 16.34 4.95 -20.59
C THR B 267 15.24 4.58 -19.64
N VAL B 268 14.14 5.37 -19.76
CA VAL B 268 12.91 5.27 -18.99
C VAL B 268 12.62 3.83 -18.65
N ASP B 269 12.78 2.96 -19.63
CA ASP B 269 12.58 1.55 -19.39
C ASP B 269 13.50 1.07 -18.27
N ARG B 270 14.82 1.21 -18.51
CA ARG B 270 15.82 0.81 -17.55
C ARG B 270 15.52 1.39 -16.22
N ALA B 271 15.24 2.68 -16.22
CA ALA B 271 14.95 3.37 -14.96
C ALA B 271 13.71 2.83 -14.25
N PHE B 272 12.65 2.55 -15.03
CA PHE B 272 11.39 2.04 -14.50
C PHE B 272 11.52 0.69 -13.84
N SER B 273 12.33 -0.14 -14.45
CA SER B 273 12.63 -1.45 -13.93
C SER B 273 13.09 -1.34 -12.49
N GLN B 274 13.96 -0.38 -12.21
CA GLN B 274 14.41 -0.25 -10.84
C GLN B 274 13.28 0.22 -9.93
N MET B 275 12.39 1.07 -10.46
CA MET B 275 11.24 1.56 -9.68
C MET B 275 10.39 0.41 -9.18
N LYS B 276 10.14 -0.53 -10.10
CA LYS B 276 9.39 -1.71 -9.81
C LYS B 276 9.98 -2.34 -8.62
N ALA B 277 11.26 -2.71 -8.72
CA ALA B 277 11.98 -3.34 -7.58
C ALA B 277 11.77 -2.58 -6.28
N ALA B 278 11.61 -1.29 -6.37
CA ALA B 278 11.40 -0.54 -5.15
C ALA B 278 10.06 -0.93 -4.55
N ILE B 279 9.09 -1.18 -5.45
CA ILE B 279 7.73 -1.55 -5.10
C ILE B 279 7.70 -2.95 -4.52
N ARG B 280 8.24 -3.85 -5.31
CA ARG B 280 8.35 -5.23 -4.94
C ARG B 280 8.89 -5.51 -3.57
N ALA B 281 9.63 -4.59 -3.01
CA ALA B 281 10.17 -4.84 -1.68
C ALA B 281 9.40 -4.08 -0.65
N ASN B 282 8.37 -3.36 -1.15
CA ASN B 282 7.46 -2.56 -0.32
C ASN B 282 6.14 -3.25 -0.09
N TYR B 283 5.27 -3.18 -1.10
CA TYR B 283 3.98 -3.76 -0.97
C TYR B 283 3.73 -4.73 -2.07
N SER B 284 4.65 -4.81 -3.01
CA SER B 284 4.53 -5.80 -4.08
C SER B 284 3.71 -5.46 -5.34
N SER B 285 2.39 -5.27 -5.15
CA SER B 285 1.45 -4.88 -6.22
C SER B 285 0.36 -3.99 -5.61
N PRO B 286 -0.27 -3.14 -6.43
CA PRO B 286 -1.26 -2.15 -5.89
C PRO B 286 -2.71 -2.66 -5.73
N PRO B 287 -3.52 -2.02 -4.91
CA PRO B 287 -4.90 -2.49 -4.74
C PRO B 287 -5.76 -2.24 -5.99
N ALA B 288 -6.54 -3.24 -6.37
CA ALA B 288 -7.41 -3.22 -7.56
C ALA B 288 -8.59 -2.23 -7.58
N HIS B 289 -9.59 -2.48 -6.74
CA HIS B 289 -10.84 -1.71 -6.60
C HIS B 289 -10.83 -0.26 -7.07
N GLY B 290 -10.32 0.58 -6.19
CA GLY B 290 -10.23 1.99 -6.43
C GLY B 290 -9.68 2.39 -7.79
N ALA B 291 -8.59 1.77 -8.23
CA ALA B 291 -8.02 2.18 -9.50
C ALA B 291 -8.79 1.71 -10.68
N SER B 292 -9.54 0.62 -10.48
CA SER B 292 -10.35 0.05 -11.54
C SER B 292 -11.59 0.91 -11.70
N VAL B 293 -11.91 1.59 -10.64
CA VAL B 293 -12.99 2.50 -10.74
C VAL B 293 -12.55 3.58 -11.71
N VAL B 294 -11.46 4.28 -11.32
CA VAL B 294 -10.85 5.34 -12.08
C VAL B 294 -10.70 5.07 -13.55
N ALA B 295 -10.18 3.91 -13.95
CA ALA B 295 -10.01 3.64 -15.39
C ALA B 295 -11.32 3.47 -16.15
N THR B 296 -12.21 2.71 -15.52
CA THR B 296 -13.54 2.43 -15.98
C THR B 296 -14.18 3.77 -16.38
N ILE B 297 -14.23 4.66 -15.40
CA ILE B 297 -14.76 5.95 -15.63
C ILE B 297 -14.03 6.63 -16.78
N LEU B 298 -12.75 7.01 -16.57
CA LEU B 298 -11.97 7.69 -17.57
C LEU B 298 -12.03 7.10 -18.96
N SER B 299 -12.39 5.82 -19.03
CA SER B 299 -12.49 5.11 -20.32
C SER B 299 -13.82 5.29 -21.07
N ASN B 300 -14.92 5.37 -20.29
CA ASN B 300 -16.32 5.53 -20.73
C ASN B 300 -16.76 6.98 -20.91
N ASP B 301 -17.25 7.34 -22.10
CA ASP B 301 -17.67 8.73 -22.33
C ASP B 301 -18.77 9.25 -21.41
N ALA B 302 -19.78 8.46 -21.24
CA ALA B 302 -20.91 8.79 -20.40
C ALA B 302 -20.51 9.04 -18.97
N LEU B 303 -19.88 8.04 -18.36
CA LEU B 303 -19.42 8.08 -17.00
C LEU B 303 -18.47 9.23 -16.75
N ARG B 304 -17.63 9.47 -17.74
CA ARG B 304 -16.68 10.54 -17.67
C ARG B 304 -17.45 11.81 -17.58
N ALA B 305 -18.33 11.99 -18.59
CA ALA B 305 -19.21 13.14 -18.71
C ALA B 305 -19.82 13.46 -17.37
N ILE B 306 -20.31 12.41 -16.72
CA ILE B 306 -20.94 12.54 -15.43
C ILE B 306 -19.95 13.00 -14.35
N TRP B 307 -18.78 12.31 -14.26
CA TRP B 307 -17.74 12.61 -13.25
C TRP B 307 -17.23 14.06 -13.35
N GLU B 308 -16.95 14.48 -14.59
CA GLU B 308 -16.45 15.82 -14.83
C GLU B 308 -17.35 16.86 -14.23
N GLN B 309 -18.66 16.65 -14.35
CA GLN B 309 -19.65 17.56 -13.81
C GLN B 309 -19.71 17.44 -12.33
N GLU B 310 -19.43 16.26 -11.81
CA GLU B 310 -19.44 16.11 -10.36
C GLU B 310 -18.33 16.97 -9.76
N LEU B 311 -17.18 16.94 -10.48
CA LEU B 311 -15.95 17.66 -10.15
C LEU B 311 -16.22 19.17 -10.15
N THR B 312 -16.58 19.71 -11.32
CA THR B 312 -16.83 21.14 -11.41
C THR B 312 -17.81 21.65 -10.38
N ASP B 313 -18.64 20.73 -9.97
CA ASP B 313 -19.65 20.97 -8.99
C ASP B 313 -19.02 21.14 -7.63
N MET B 314 -18.13 20.19 -7.26
CA MET B 314 -17.40 20.23 -5.98
C MET B 314 -16.60 21.52 -5.87
N ARG B 315 -15.91 21.82 -6.96
CA ARG B 315 -15.10 23.00 -7.06
C ARG B 315 -15.90 24.28 -6.86
N GLN B 316 -17.06 24.36 -7.54
CA GLN B 316 -17.92 25.53 -7.47
C GLN B 316 -18.51 25.80 -6.09
N ARG B 317 -18.81 24.77 -5.36
CA ARG B 317 -19.34 24.95 -4.03
C ARG B 317 -18.26 25.39 -3.11
N ILE B 318 -17.05 25.13 -3.54
CA ILE B 318 -16.00 25.57 -2.67
C ILE B 318 -15.80 27.05 -2.88
N GLN B 319 -15.68 27.44 -4.17
CA GLN B 319 -15.51 28.83 -4.52
C GLN B 319 -16.56 29.68 -3.83
N ARG B 320 -17.74 29.06 -3.62
CA ARG B 320 -18.94 29.64 -2.98
C ARG B 320 -18.84 29.78 -1.47
N MET B 321 -18.37 28.71 -0.85
CA MET B 321 -18.18 28.71 0.59
C MET B 321 -17.07 29.71 0.98
N ARG B 322 -16.14 30.04 0.05
CA ARG B 322 -15.12 31.01 0.38
C ARG B 322 -15.61 32.41 0.43
N GLN B 323 -16.34 32.85 -0.63
CA GLN B 323 -16.93 34.18 -0.66
C GLN B 323 -17.79 34.32 0.58
N LEU B 324 -18.66 33.36 0.75
CA LEU B 324 -19.55 33.30 1.88
C LEU B 324 -18.84 33.47 3.21
N PHE B 325 -17.66 32.88 3.34
CA PHE B 325 -16.85 32.89 4.57
C PHE B 325 -16.36 34.28 4.96
N VAL B 326 -15.77 35.00 4.02
CA VAL B 326 -15.35 36.32 4.40
C VAL B 326 -16.53 37.19 4.73
N ASN B 327 -17.48 37.29 3.79
CA ASN B 327 -18.71 38.09 3.90
C ASN B 327 -19.29 38.05 5.30
N THR B 328 -19.49 36.85 5.77
CA THR B 328 -20.05 36.63 7.06
C THR B 328 -19.08 37.08 8.16
N LEU B 329 -17.77 36.92 7.89
CA LEU B 329 -16.79 37.32 8.88
C LEU B 329 -17.00 38.79 9.13
N GLN B 330 -16.95 39.49 7.99
CA GLN B 330 -17.15 40.92 7.85
C GLN B 330 -18.44 41.35 8.52
N GLU B 331 -19.49 40.65 8.17
CA GLU B 331 -20.76 40.94 8.73
C GLU B 331 -20.85 40.51 10.18
N LYS B 332 -19.85 39.80 10.66
CA LYS B 332 -19.95 39.35 12.03
C LYS B 332 -19.09 40.00 13.13
N GLY B 333 -18.21 40.95 12.76
CA GLY B 333 -17.37 41.65 13.72
C GLY B 333 -15.92 41.19 13.71
N ALA B 334 -15.35 41.05 12.51
CA ALA B 334 -13.97 40.62 12.36
C ALA B 334 -12.96 41.76 12.20
N ASN B 335 -11.95 41.72 13.07
CA ASN B 335 -10.89 42.70 13.06
C ASN B 335 -10.27 42.74 11.68
N ARG B 336 -9.45 41.75 11.42
CA ARG B 336 -8.78 41.70 10.14
C ARG B 336 -9.66 41.70 8.91
N ASP B 337 -9.00 42.09 7.83
CA ASP B 337 -9.56 42.10 6.51
C ASP B 337 -9.11 40.77 5.95
N PHE B 338 -10.08 39.87 5.76
CA PHE B 338 -9.83 38.52 5.30
C PHE B 338 -9.95 38.29 3.78
N SER B 339 -10.29 39.33 3.04
CA SER B 339 -10.47 39.20 1.61
C SER B 339 -9.34 38.53 0.85
N PHE B 340 -8.20 38.30 1.48
CA PHE B 340 -7.12 37.62 0.76
C PHE B 340 -7.50 36.16 0.63
N ILE B 341 -8.53 35.77 1.39
CA ILE B 341 -9.01 34.41 1.34
C ILE B 341 -9.64 34.10 0.00
N ILE B 342 -10.16 35.13 -0.66
CA ILE B 342 -10.75 34.87 -1.96
C ILE B 342 -9.71 34.80 -3.05
N LYS B 343 -8.43 34.80 -2.66
CA LYS B 343 -7.37 34.76 -3.65
C LYS B 343 -6.68 33.40 -3.62
N GLN B 344 -7.17 32.54 -2.75
CA GLN B 344 -6.64 31.21 -2.57
C GLN B 344 -7.47 30.16 -3.26
N ASN B 345 -6.81 29.24 -3.95
CA ASN B 345 -7.55 28.19 -4.60
C ASN B 345 -7.49 26.85 -3.85
N GLY B 346 -8.34 25.90 -4.22
CA GLY B 346 -8.38 24.57 -3.61
C GLY B 346 -9.22 24.46 -2.34
N MET B 347 -9.15 23.29 -1.71
CA MET B 347 -9.88 22.99 -0.50
C MET B 347 -9.53 23.79 0.74
N PHE B 348 -8.41 24.50 0.73
CA PHE B 348 -8.08 25.20 1.96
C PHE B 348 -8.11 26.70 1.89
N SER B 349 -7.55 27.18 3.00
CA SER B 349 -7.38 28.54 3.36
C SER B 349 -6.40 28.65 4.52
N PHE B 350 -5.30 29.36 4.24
CA PHE B 350 -4.27 29.66 5.24
C PHE B 350 -4.79 30.84 6.06
N SER B 351 -5.69 30.52 6.99
CA SER B 351 -6.39 31.46 7.85
C SER B 351 -5.70 32.68 8.41
N GLY B 352 -4.59 32.49 9.11
CA GLY B 352 -3.90 33.61 9.73
C GLY B 352 -4.06 33.61 11.25
N LEU B 353 -4.70 32.56 11.78
CA LEU B 353 -4.88 32.43 13.21
C LEU B 353 -3.64 31.83 13.85
N THR B 354 -3.29 32.32 15.03
CA THR B 354 -2.13 31.80 15.73
C THR B 354 -2.38 30.44 16.33
N LYS B 355 -1.30 29.83 16.82
CA LYS B 355 -1.39 28.54 17.44
C LYS B 355 -2.31 28.63 18.63
N GLU B 356 -2.14 29.68 19.41
CA GLU B 356 -3.03 29.81 20.53
C GLU B 356 -4.50 30.17 20.19
N GLN B 357 -4.72 30.60 18.95
CA GLN B 357 -6.08 30.94 18.51
C GLN B 357 -6.81 29.65 18.20
N VAL B 358 -6.19 28.88 17.30
CA VAL B 358 -6.62 27.58 16.85
C VAL B 358 -6.84 26.63 18.00
N LEU B 359 -6.08 26.85 19.07
CA LEU B 359 -6.14 26.02 20.27
C LEU B 359 -7.31 26.40 21.10
N ARG B 360 -7.65 27.65 20.99
CA ARG B 360 -8.77 28.10 21.75
C ARG B 360 -10.09 27.89 21.01
N LEU B 361 -10.05 27.98 19.68
CA LEU B 361 -11.21 27.78 18.86
C LEU B 361 -11.82 26.42 19.17
N ARG B 362 -10.92 25.52 19.54
CA ARG B 362 -11.22 24.13 19.78
C ARG B 362 -11.67 23.77 21.18
N GLU B 363 -10.88 24.12 22.14
CA GLU B 363 -11.23 23.77 23.49
C GLU B 363 -12.48 24.49 23.96
N GLU B 364 -12.62 25.68 23.41
CA GLU B 364 -13.65 26.62 23.76
C GLU B 364 -14.93 26.68 22.91
N PHE B 365 -14.91 26.18 21.68
CA PHE B 365 -16.10 26.25 20.85
C PHE B 365 -16.38 24.99 20.09
N GLY B 366 -15.42 24.09 20.13
CA GLY B 366 -15.51 22.83 19.43
C GLY B 366 -15.13 22.91 17.97
N VAL B 367 -14.43 24.00 17.53
CA VAL B 367 -14.02 24.13 16.11
C VAL B 367 -12.72 23.35 15.86
N TYR B 368 -12.42 22.88 14.64
CA TYR B 368 -11.21 22.07 14.46
C TYR B 368 -10.30 22.41 13.30
N ALA B 369 -9.30 23.27 13.54
CA ALA B 369 -8.36 23.61 12.48
C ALA B 369 -6.96 23.12 12.82
N VAL B 370 -6.15 22.80 11.79
CA VAL B 370 -4.77 22.37 11.95
C VAL B 370 -4.02 23.52 12.67
N ALA B 371 -3.00 23.23 13.48
CA ALA B 371 -2.33 24.32 14.19
C ALA B 371 -1.69 25.38 13.33
N SER B 372 -1.35 25.06 12.09
CA SER B 372 -0.78 26.10 11.28
C SER B 372 -1.80 27.18 11.06
N GLY B 373 -3.04 26.88 11.40
CA GLY B 373 -4.12 27.82 11.13
C GLY B 373 -4.70 27.50 9.74
N ARG B 374 -4.50 26.24 9.30
CA ARG B 374 -5.03 25.74 8.03
C ARG B 374 -6.49 25.40 8.24
N VAL B 375 -7.31 25.95 7.38
CA VAL B 375 -8.73 25.72 7.46
C VAL B 375 -9.26 25.15 6.16
N ASN B 376 -10.15 24.19 6.31
CA ASN B 376 -10.76 23.49 5.19
C ASN B 376 -12.06 24.14 4.73
N VAL B 377 -11.99 24.84 3.64
CA VAL B 377 -13.19 25.49 3.17
C VAL B 377 -14.26 24.46 2.87
N ALA B 378 -13.90 23.42 2.11
CA ALA B 378 -14.80 22.33 1.77
C ALA B 378 -15.57 21.76 2.96
N GLY B 379 -15.24 22.18 4.15
CA GLY B 379 -15.93 21.67 5.31
C GLY B 379 -16.92 22.67 5.84
N MET B 380 -17.04 23.75 5.08
CA MET B 380 -17.92 24.84 5.42
C MET B 380 -19.27 24.72 4.71
N THR B 381 -20.32 25.03 5.48
CA THR B 381 -21.68 24.97 5.00
C THR B 381 -22.51 26.08 5.58
N PRO B 382 -23.49 26.47 4.78
CA PRO B 382 -24.44 27.48 5.15
C PRO B 382 -25.05 27.14 6.48
N ASP B 383 -25.11 25.86 6.82
CA ASP B 383 -25.66 25.55 8.12
C ASP B 383 -24.72 25.72 9.31
N ASN B 384 -23.38 25.77 9.04
CA ASN B 384 -22.37 25.96 10.09
C ASN B 384 -21.72 27.32 10.09
N MET B 385 -21.76 28.03 8.95
CA MET B 385 -21.16 29.35 8.77
C MET B 385 -21.15 30.26 9.95
N ALA B 386 -22.35 30.75 10.26
CA ALA B 386 -22.56 31.68 11.36
C ALA B 386 -21.79 31.29 12.61
N PRO B 387 -22.23 30.21 13.23
CA PRO B 387 -21.61 29.70 14.44
C PRO B 387 -20.08 29.63 14.32
N LEU B 388 -19.64 29.16 13.14
CA LEU B 388 -18.23 29.06 12.81
C LEU B 388 -17.66 30.47 12.95
N CYS B 389 -18.11 31.37 12.06
CA CYS B 389 -17.69 32.76 12.06
C CYS B 389 -17.91 33.45 13.38
N GLU B 390 -18.62 32.86 14.27
CA GLU B 390 -18.72 33.61 15.48
C GLU B 390 -17.59 33.25 16.39
N ALA B 391 -17.27 31.96 16.45
CA ALA B 391 -16.17 31.56 17.29
C ALA B 391 -14.87 32.28 16.88
N ILE B 392 -14.53 32.22 15.59
CA ILE B 392 -13.36 32.88 15.07
C ILE B 392 -13.35 34.33 15.54
N VAL B 393 -14.42 35.02 15.22
CA VAL B 393 -14.58 36.41 15.60
C VAL B 393 -14.36 36.69 17.10
N ALA B 394 -14.69 35.72 17.95
CA ALA B 394 -14.50 35.88 19.38
C ALA B 394 -13.05 35.75 19.77
N VAL B 395 -12.34 34.82 19.11
CA VAL B 395 -10.93 34.63 19.43
C VAL B 395 -9.99 35.66 18.79
N LEU B 396 -10.46 36.41 17.81
CA LEU B 396 -9.57 37.39 17.25
C LEU B 396 -9.29 38.62 18.10
#